data_3K2Q
#
_entry.id   3K2Q
#
_cell.length_a   151.526
_cell.length_b   100.752
_cell.length_c   101.584
_cell.angle_alpha   90.00
_cell.angle_beta   110.34
_cell.angle_gamma   90.00
#
_symmetry.space_group_name_H-M   'C 1 2 1'
#
loop_
_entity.id
_entity.type
_entity.pdbx_description
1 polymer 'Pyrophosphate-dependent phosphofructokinase'
2 non-polymer 'SODIUM ION'
3 water water
#
_entity_poly.entity_id   1
_entity_poly.type   'polypeptide(L)'
_entity_poly.pdbx_seq_one_letter_code
;MAIKNAFYAQSGGVTAVINASACGVIQTARKHPDQIGKVYAGRNGIIGALKEELIDTSLESDDAIQALIHTPGGAFGSCR
YKLKNISENQREYERLIEVFRAHDIGYFFYNGGGDSQDTAYKVSQLADRMGYPITCIGVPKTVDNDLPFTDCCPGFGSVA
KYIATSTLEASLDIKSMCETSTKVFILEVMGRHAGWIAAAGGLAGQSEGEPPHVILFPEIPFNREKFLERVDQCVRDYGY
CVVVASEGAQYEDGRFVADAGAKDAFGHTQLGGVAPALANMVKQALGHKYHWAVADYLQRAARHIASATDVEQAYAVGKA
AVEMALAGKQALMPTIVRDQAKPYRWSIGEANLSEVANQEKKMPIHYITDNGFGITQDCRDYLQPLIAGESFPPFDDGLP
RVAKLKNQLVEKKLRTEFEL
;
_entity_poly.pdbx_strand_id   A,B,C
#
loop_
_chem_comp.id
_chem_comp.type
_chem_comp.name
_chem_comp.formula
NA non-polymer 'SODIUM ION' 'Na 1'
#
# COMPACT_ATOMS: atom_id res chain seq x y z
N ILE A 3 28.39 19.65 2.51
CA ILE A 3 28.27 18.54 1.52
C ILE A 3 26.79 18.24 1.18
N LYS A 4 26.04 19.28 0.82
CA LYS A 4 24.62 19.15 0.48
C LYS A 4 24.22 19.45 -0.97
N ASN A 5 25.05 20.15 -1.74
CA ASN A 5 24.67 20.37 -3.13
C ASN A 5 25.12 19.15 -3.93
N ALA A 6 24.58 19.03 -5.14
CA ALA A 6 24.90 17.92 -6.00
C ALA A 6 25.43 18.44 -7.34
N PHE A 7 26.25 17.63 -7.98
CA PHE A 7 26.80 17.98 -9.28
C PHE A 7 26.46 16.91 -10.28
N TYR A 8 25.82 17.32 -11.36
CA TYR A 8 25.42 16.45 -12.45
C TYR A 8 26.16 16.84 -13.72
N ALA A 9 26.64 15.85 -14.47
CA ALA A 9 27.35 16.12 -15.71
C ALA A 9 27.11 15.00 -16.70
N GLN A 10 27.18 15.33 -17.99
CA GLN A 10 26.99 14.34 -19.02
C GLN A 10 28.35 14.03 -19.62
N SER A 11 28.49 12.87 -20.24
CA SER A 11 29.76 12.50 -20.81
C SER A 11 29.63 11.68 -22.07
N GLY A 12 30.52 11.93 -23.02
CA GLY A 12 30.48 11.20 -24.27
C GLY A 12 29.44 11.73 -25.23
N GLY A 13 29.09 10.94 -26.23
CA GLY A 13 28.11 11.38 -27.19
C GLY A 13 26.77 11.50 -26.53
N VAL A 14 26.00 12.50 -26.95
CA VAL A 14 24.68 12.70 -26.39
C VAL A 14 23.67 11.69 -26.94
N THR A 15 22.49 11.65 -26.38
CA THR A 15 21.47 10.70 -26.79
C THR A 15 20.14 11.42 -26.91
N ALA A 16 19.17 10.75 -27.53
CA ALA A 16 17.84 11.33 -27.68
C ALA A 16 17.15 11.40 -26.32
N VAL A 17 17.57 10.54 -25.39
CA VAL A 17 16.96 10.50 -24.07
C VAL A 17 17.91 10.75 -22.90
N ILE A 18 19.16 11.11 -23.19
CA ILE A 18 20.06 11.36 -22.07
C ILE A 18 19.53 12.50 -21.20
N ASN A 19 18.74 13.40 -21.80
CA ASN A 19 18.17 14.49 -21.03
C ASN A 19 17.03 13.99 -20.14
N ALA A 20 16.48 12.83 -20.49
CA ALA A 20 15.43 12.22 -19.71
C ALA A 20 16.07 11.80 -18.38
N SER A 21 17.29 11.26 -18.45
CA SER A 21 18.02 10.85 -17.25
C SER A 21 18.25 12.09 -16.39
N ALA A 22 18.71 13.18 -17.03
CA ALA A 22 18.96 14.43 -16.35
C ALA A 22 17.69 14.89 -15.65
N CYS A 23 16.54 14.65 -16.28
CA CYS A 23 15.27 15.03 -15.70
C CYS A 23 15.00 14.15 -14.48
N GLY A 24 15.19 12.85 -14.65
CA GLY A 24 14.97 11.93 -13.54
C GLY A 24 15.82 12.26 -12.34
N VAL A 25 17.06 12.70 -12.59
CA VAL A 25 17.96 13.03 -11.50
C VAL A 25 17.59 14.36 -10.86
N ILE A 26 17.30 15.37 -11.69
CA ILE A 26 16.96 16.69 -11.17
C ILE A 26 15.64 16.76 -10.43
N GLN A 27 14.59 16.17 -11.00
CA GLN A 27 13.28 16.22 -10.35
C GLN A 27 13.24 15.53 -8.99
N THR A 28 13.86 14.36 -8.87
CA THR A 28 13.85 13.67 -7.58
C THR A 28 14.73 14.39 -6.57
N ALA A 29 15.80 15.03 -7.03
CA ALA A 29 16.67 15.76 -6.11
C ALA A 29 15.86 16.89 -5.48
N ARG A 30 14.99 17.52 -6.28
CA ARG A 30 14.15 18.61 -5.79
C ARG A 30 13.09 18.11 -4.82
N LYS A 31 12.90 16.79 -4.78
CA LYS A 31 11.90 16.18 -3.90
C LYS A 31 12.49 15.83 -2.55
N HIS A 32 13.69 16.33 -2.26
CA HIS A 32 14.35 16.04 -1.00
C HIS A 32 15.18 17.23 -0.52
N PRO A 33 14.58 18.44 -0.50
CA PRO A 33 15.27 19.65 -0.06
C PRO A 33 15.95 19.56 1.30
N ASP A 34 15.59 18.55 2.07
CA ASP A 34 16.18 18.37 3.39
C ASP A 34 17.41 17.47 3.36
N GLN A 35 17.81 17.03 2.18
CA GLN A 35 18.99 16.17 2.04
C GLN A 35 19.93 16.71 0.96
N ILE A 36 19.34 17.29 -0.08
CA ILE A 36 20.12 17.85 -1.17
C ILE A 36 19.72 19.28 -1.45
N GLY A 37 20.71 20.15 -1.61
CA GLY A 37 20.44 21.55 -1.90
C GLY A 37 20.27 21.78 -3.38
N LYS A 38 21.06 22.70 -3.92
CA LYS A 38 20.97 22.98 -5.35
C LYS A 38 21.66 21.91 -6.20
N VAL A 39 21.13 21.67 -7.39
CA VAL A 39 21.72 20.71 -8.32
C VAL A 39 22.51 21.50 -9.36
N TYR A 40 23.83 21.36 -9.33
CA TYR A 40 24.65 22.08 -10.29
C TYR A 40 24.93 21.21 -11.48
N ALA A 41 24.99 21.80 -12.66
CA ALA A 41 25.27 21.03 -13.86
C ALA A 41 26.58 21.51 -14.45
N GLY A 42 27.42 20.56 -14.87
CA GLY A 42 28.69 20.89 -15.46
C GLY A 42 28.49 21.39 -16.87
N ARG A 43 28.92 22.61 -17.15
CA ARG A 43 28.76 23.16 -18.49
C ARG A 43 29.66 22.37 -19.40
N ASN A 44 29.08 21.74 -20.41
CA ASN A 44 29.86 20.94 -21.35
C ASN A 44 30.59 19.77 -20.70
N GLY A 45 29.96 19.12 -19.71
CA GLY A 45 30.57 17.97 -19.06
C GLY A 45 31.48 18.29 -17.89
N ILE A 46 32.40 17.40 -17.55
CA ILE A 46 33.30 17.66 -16.43
C ILE A 46 34.21 18.83 -16.75
N ILE A 47 34.33 19.17 -18.02
CA ILE A 47 35.18 20.30 -18.38
C ILE A 47 34.65 21.46 -17.54
N GLY A 48 33.33 21.44 -17.35
CA GLY A 48 32.65 22.46 -16.57
C GLY A 48 33.13 22.53 -15.15
N ALA A 49 33.30 21.37 -14.53
CA ALA A 49 33.79 21.31 -13.16
C ALA A 49 35.25 21.77 -13.16
N LEU A 50 36.02 21.25 -14.10
CA LEU A 50 37.42 21.61 -14.21
C LEU A 50 37.62 23.12 -14.36
N LYS A 51 36.86 23.75 -15.24
CA LYS A 51 36.99 25.19 -15.47
C LYS A 51 36.10 26.00 -14.54
N GLU A 52 35.47 25.29 -13.61
CA GLU A 52 34.58 25.90 -12.64
C GLU A 52 33.45 26.69 -13.29
N GLU A 53 32.82 26.10 -14.30
CA GLU A 53 31.69 26.73 -14.96
C GLU A 53 30.51 25.86 -14.56
N LEU A 54 29.93 26.20 -13.42
CA LEU A 54 28.79 25.45 -12.89
C LEU A 54 27.44 26.10 -13.18
N ILE A 55 26.53 25.33 -13.76
CA ILE A 55 25.20 25.80 -14.09
C ILE A 55 24.27 25.57 -12.91
N ASP A 56 23.61 26.64 -12.47
CA ASP A 56 22.68 26.56 -11.35
C ASP A 56 21.32 26.14 -11.91
N THR A 57 21.02 24.85 -11.88
CA THR A 57 19.74 24.38 -12.41
C THR A 57 18.58 24.65 -11.47
N SER A 58 18.86 25.26 -10.32
CA SER A 58 17.78 25.57 -9.39
C SER A 58 17.01 26.80 -9.91
N LEU A 59 17.68 27.60 -10.73
CA LEU A 59 17.08 28.81 -11.29
C LEU A 59 16.15 28.44 -12.44
N GLU A 60 16.04 27.14 -12.72
CA GLU A 60 15.20 26.66 -13.80
C GLU A 60 13.80 26.28 -13.28
N SER A 61 12.76 26.72 -14.00
CA SER A 61 11.39 26.43 -13.60
C SER A 61 11.06 24.95 -13.73
N ASP A 62 10.10 24.49 -12.95
CA ASP A 62 9.70 23.09 -12.98
C ASP A 62 9.32 22.65 -14.37
N ASP A 63 8.69 23.54 -15.11
CA ASP A 63 8.27 23.24 -16.46
C ASP A 63 9.47 22.92 -17.35
N ALA A 64 10.44 23.84 -17.37
CA ALA A 64 11.64 23.65 -18.18
C ALA A 64 12.25 22.30 -17.86
N ILE A 65 12.44 22.01 -16.58
CA ILE A 65 13.01 20.74 -16.16
C ILE A 65 12.18 19.58 -16.70
N GLN A 66 10.86 19.74 -16.68
CA GLN A 66 9.96 18.71 -17.17
C GLN A 66 10.18 18.49 -18.65
N ALA A 67 10.48 19.57 -19.37
CA ALA A 67 10.71 19.52 -20.81
C ALA A 67 11.88 18.63 -21.18
N LEU A 68 12.83 18.51 -20.27
CA LEU A 68 14.01 17.69 -20.48
C LEU A 68 13.74 16.28 -20.96
N ILE A 69 12.60 15.70 -20.61
CA ILE A 69 12.35 14.32 -21.02
C ILE A 69 11.88 14.13 -22.46
N HIS A 70 11.64 15.23 -23.16
CA HIS A 70 11.21 15.12 -24.53
C HIS A 70 12.07 15.97 -25.46
N THR A 71 13.32 16.21 -25.03
CA THR A 71 14.25 16.99 -25.83
C THR A 71 15.58 16.23 -25.94
N PRO A 72 16.05 15.99 -27.18
CA PRO A 72 17.31 15.27 -27.42
C PRO A 72 18.56 16.08 -27.11
N GLY A 73 19.72 15.45 -27.29
CA GLY A 73 20.99 16.10 -27.03
C GLY A 73 21.30 16.24 -25.56
N GLY A 74 22.30 17.07 -25.24
CA GLY A 74 22.69 17.31 -23.87
C GLY A 74 22.33 18.75 -23.53
N ALA A 75 21.30 18.93 -22.72
CA ALA A 75 20.83 20.27 -22.36
C ALA A 75 21.88 21.18 -21.73
N PHE A 76 22.87 20.58 -21.08
CA PHE A 76 23.93 21.34 -20.42
C PHE A 76 25.22 21.23 -21.22
N GLY A 77 25.20 20.40 -22.25
CA GLY A 77 26.37 20.22 -23.07
C GLY A 77 27.12 19.01 -22.56
N SER A 78 28.01 18.48 -23.37
CA SER A 78 28.81 17.34 -22.98
C SER A 78 30.15 17.48 -23.67
N CYS A 79 31.03 16.52 -23.44
CA CYS A 79 32.35 16.56 -24.06
C CYS A 79 32.89 15.15 -24.05
N ARG A 80 34.00 14.94 -24.76
CA ARG A 80 34.58 13.62 -24.82
C ARG A 80 35.89 13.55 -24.05
N TYR A 81 36.14 14.59 -23.26
CA TYR A 81 37.34 14.69 -22.44
C TYR A 81 37.52 13.50 -21.49
N LYS A 82 38.71 12.91 -21.48
CA LYS A 82 39.02 11.77 -20.60
C LYS A 82 40.27 12.03 -19.76
N ARG A 91 45.36 15.93 -9.74
CA ARG A 91 45.36 17.21 -10.45
C ARG A 91 44.01 17.51 -11.03
N GLU A 92 43.62 16.76 -12.06
CA GLU A 92 42.32 16.95 -12.67
C GLU A 92 41.35 16.42 -11.63
N TYR A 93 41.68 15.25 -11.08
CA TYR A 93 40.86 14.63 -10.06
C TYR A 93 40.94 15.49 -8.81
N GLU A 94 42.11 16.05 -8.57
CA GLU A 94 42.33 16.91 -7.42
C GLU A 94 41.54 18.22 -7.57
N ARG A 95 41.50 18.75 -8.79
CA ARG A 95 40.78 19.98 -9.07
C ARG A 95 39.29 19.76 -8.99
N LEU A 96 38.84 18.54 -9.28
CA LEU A 96 37.41 18.24 -9.22
C LEU A 96 36.91 18.33 -7.80
N ILE A 97 37.71 17.85 -6.86
CA ILE A 97 37.32 17.86 -5.46
C ILE A 97 37.49 19.28 -4.91
N GLU A 98 38.49 19.99 -5.40
CA GLU A 98 38.69 21.36 -4.95
C GLU A 98 37.49 22.24 -5.27
N VAL A 99 36.91 22.08 -6.46
CA VAL A 99 35.77 22.90 -6.84
C VAL A 99 34.47 22.36 -6.26
N PHE A 100 34.42 21.05 -6.03
CA PHE A 100 33.22 20.45 -5.43
C PHE A 100 33.04 20.90 -4.00
N ARG A 101 34.11 20.84 -3.21
CA ARG A 101 34.02 21.23 -1.81
C ARG A 101 33.86 22.73 -1.65
N ALA A 102 34.41 23.49 -2.60
CA ALA A 102 34.30 24.95 -2.54
C ALA A 102 32.83 25.34 -2.73
N HIS A 103 32.07 24.45 -3.38
CA HIS A 103 30.65 24.68 -3.64
C HIS A 103 29.72 23.79 -2.84
N ASP A 104 30.24 23.18 -1.78
CA ASP A 104 29.42 22.31 -0.93
C ASP A 104 28.79 21.17 -1.70
N ILE A 105 29.57 20.53 -2.56
CA ILE A 105 29.04 19.43 -3.33
C ILE A 105 29.44 18.10 -2.72
N GLY A 106 28.45 17.36 -2.22
CA GLY A 106 28.68 16.07 -1.61
C GLY A 106 28.18 14.95 -2.49
N TYR A 107 27.45 15.31 -3.54
CA TYR A 107 26.90 14.33 -4.46
C TYR A 107 27.40 14.56 -5.88
N PHE A 108 27.85 13.48 -6.51
CA PHE A 108 28.37 13.53 -7.87
C PHE A 108 27.64 12.50 -8.75
N PHE A 109 26.76 12.99 -9.61
CA PHE A 109 26.01 12.12 -10.50
C PHE A 109 26.57 12.24 -11.90
N TYR A 110 27.37 11.25 -12.29
CA TYR A 110 28.00 11.26 -13.61
C TYR A 110 27.24 10.34 -14.56
N ASN A 111 26.67 10.96 -15.59
CA ASN A 111 25.85 10.29 -16.60
C ASN A 111 26.60 10.06 -17.92
N GLY A 112 27.20 8.89 -18.07
CA GLY A 112 27.91 8.59 -19.31
C GLY A 112 28.22 7.12 -19.58
N GLY A 113 29.12 6.87 -20.54
CA GLY A 113 29.50 5.51 -20.89
C GLY A 113 30.47 4.92 -19.90
N GLY A 114 31.19 3.88 -20.31
CA GLY A 114 32.15 3.23 -19.44
C GLY A 114 33.19 4.13 -18.81
N ASP A 115 33.91 4.89 -19.62
CA ASP A 115 34.95 5.78 -19.10
C ASP A 115 34.41 6.61 -17.94
N SER A 116 33.26 7.23 -18.15
CA SER A 116 32.63 8.04 -17.11
C SER A 116 32.51 7.30 -15.78
N GLN A 117 31.90 6.12 -15.83
CA GLN A 117 31.71 5.30 -14.64
C GLN A 117 33.02 5.12 -13.88
N ASP A 118 34.07 4.75 -14.61
CA ASP A 118 35.37 4.54 -13.98
C ASP A 118 35.88 5.78 -13.29
N THR A 119 35.89 6.90 -14.01
CA THR A 119 36.36 8.16 -13.42
C THR A 119 35.47 8.59 -12.25
N ALA A 120 34.19 8.25 -12.28
CA ALA A 120 33.30 8.59 -11.18
C ALA A 120 33.84 7.89 -9.94
N TYR A 121 34.16 6.61 -10.09
CA TYR A 121 34.70 5.78 -9.03
C TYR A 121 35.97 6.36 -8.44
N LYS A 122 36.93 6.69 -9.31
CA LYS A 122 38.19 7.25 -8.86
C LYS A 122 37.97 8.51 -8.05
N VAL A 123 37.08 9.40 -8.49
CA VAL A 123 36.79 10.63 -7.76
C VAL A 123 36.42 10.23 -6.35
N SER A 124 35.59 9.19 -6.25
CA SER A 124 35.14 8.68 -4.97
C SER A 124 36.32 8.27 -4.10
N GLN A 125 37.30 7.60 -4.71
CA GLN A 125 38.49 7.16 -3.99
C GLN A 125 39.33 8.33 -3.49
N LEU A 126 39.60 9.27 -4.38
CA LEU A 126 40.39 10.43 -4.01
C LEU A 126 39.66 11.25 -2.97
N ALA A 127 38.36 11.45 -3.15
CA ALA A 127 37.57 12.21 -2.19
C ALA A 127 37.83 11.73 -0.76
N ASP A 128 37.80 10.41 -0.57
CA ASP A 128 38.04 9.83 0.75
C ASP A 128 39.46 10.13 1.18
N ARG A 129 40.40 9.70 0.35
CA ARG A 129 41.82 9.90 0.57
C ARG A 129 42.11 11.33 1.06
N MET A 130 41.54 12.32 0.37
CA MET A 130 41.73 13.73 0.71
C MET A 130 40.90 14.19 1.91
N GLY A 131 40.13 13.26 2.49
CA GLY A 131 39.32 13.62 3.64
C GLY A 131 38.06 14.40 3.27
N TYR A 132 37.58 14.15 2.06
CA TYR A 132 36.38 14.82 1.56
C TYR A 132 35.43 13.89 0.86
N PRO A 133 34.79 12.99 1.63
CA PRO A 133 33.86 12.06 1.01
C PRO A 133 32.83 12.78 0.14
N ILE A 134 32.55 12.18 -1.00
CA ILE A 134 31.56 12.70 -1.94
C ILE A 134 30.97 11.43 -2.53
N THR A 135 29.68 11.21 -2.26
CA THR A 135 29.02 10.03 -2.78
C THR A 135 28.84 10.20 -4.29
N CYS A 136 29.41 9.26 -5.03
CA CYS A 136 29.35 9.30 -6.48
C CYS A 136 28.58 8.13 -7.05
N ILE A 137 27.48 8.43 -7.75
CA ILE A 137 26.67 7.39 -8.37
C ILE A 137 26.63 7.70 -9.86
N GLY A 138 27.00 6.72 -10.68
CA GLY A 138 27.02 6.93 -12.11
C GLY A 138 25.69 6.52 -12.71
N VAL A 139 25.24 7.26 -13.72
CA VAL A 139 24.00 6.96 -14.41
C VAL A 139 24.36 6.47 -15.80
N PRO A 140 24.00 5.22 -16.14
CA PRO A 140 24.30 4.59 -17.45
C PRO A 140 23.82 5.40 -18.66
N LYS A 141 24.61 5.37 -19.72
CA LYS A 141 24.30 6.10 -20.93
C LYS A 141 25.12 5.59 -22.11
N THR A 142 24.48 4.93 -23.07
CA THR A 142 25.19 4.46 -24.27
C THR A 142 24.33 4.00 -25.40
N VAL A 143 24.52 4.66 -26.53
CA VAL A 143 23.77 4.34 -27.74
C VAL A 143 24.32 3.03 -28.31
N ASP A 144 25.54 2.68 -27.91
CA ASP A 144 26.19 1.47 -28.38
C ASP A 144 25.78 0.26 -27.58
N ASN A 145 25.08 0.49 -26.47
CA ASN A 145 24.58 -0.59 -25.64
C ASN A 145 25.66 -1.59 -25.20
N ASP A 146 26.87 -1.10 -24.93
CA ASP A 146 27.95 -1.99 -24.54
C ASP A 146 28.41 -1.88 -23.10
N LEU A 147 27.55 -1.39 -22.22
CA LEU A 147 27.91 -1.28 -20.81
C LEU A 147 27.55 -2.62 -20.17
N PRO A 148 28.32 -3.05 -19.17
CA PRO A 148 28.05 -4.32 -18.50
C PRO A 148 27.11 -4.21 -17.31
N PHE A 149 26.67 -5.37 -16.82
CA PHE A 149 25.80 -5.45 -15.65
C PHE A 149 24.46 -4.73 -15.81
N THR A 150 23.93 -4.70 -17.02
CA THR A 150 22.66 -4.04 -17.26
C THR A 150 22.00 -4.68 -18.48
N ASP A 151 20.67 -4.78 -18.45
CA ASP A 151 19.94 -5.39 -19.56
C ASP A 151 20.23 -4.63 -20.84
N CYS A 152 19.95 -3.34 -20.79
CA CYS A 152 20.15 -2.46 -21.91
C CYS A 152 20.69 -1.14 -21.39
N CYS A 153 21.28 -0.34 -22.27
CA CYS A 153 21.83 0.95 -21.89
C CYS A 153 20.89 2.03 -22.38
N PRO A 154 20.56 3.02 -21.50
CA PRO A 154 19.66 4.10 -21.88
C PRO A 154 20.10 4.88 -23.10
N GLY A 155 19.26 4.85 -24.13
CA GLY A 155 19.57 5.56 -25.36
C GLY A 155 19.49 4.66 -26.57
N PHE A 156 19.93 3.43 -26.38
CA PHE A 156 19.94 2.41 -27.44
C PHE A 156 18.54 2.03 -27.89
N GLY A 157 17.66 1.81 -26.93
CA GLY A 157 16.29 1.44 -27.28
C GLY A 157 15.73 2.42 -28.28
N SER A 158 16.00 3.71 -28.08
CA SER A 158 15.48 4.70 -29.01
C SER A 158 16.12 4.61 -30.39
N VAL A 159 17.45 4.48 -30.48
CA VAL A 159 18.03 4.39 -31.82
C VAL A 159 17.54 3.12 -32.50
N ALA A 160 17.38 2.06 -31.71
CA ALA A 160 16.93 0.78 -32.25
C ALA A 160 15.60 0.97 -32.91
N LYS A 161 14.71 1.65 -32.22
CA LYS A 161 13.37 1.90 -32.74
C LYS A 161 13.48 2.73 -34.02
N TYR A 162 14.33 3.74 -33.99
CA TYR A 162 14.55 4.60 -35.15
C TYR A 162 15.07 3.77 -36.33
N ILE A 163 16.14 3.02 -36.12
CA ILE A 163 16.70 2.20 -37.20
C ILE A 163 15.70 1.20 -37.77
N ALA A 164 14.98 0.52 -36.89
CA ALA A 164 14.00 -0.46 -37.35
C ALA A 164 12.90 0.24 -38.16
N THR A 165 12.38 1.34 -37.63
CA THR A 165 11.34 2.08 -38.33
C THR A 165 11.85 2.58 -39.67
N SER A 166 13.02 3.22 -39.66
CA SER A 166 13.59 3.74 -40.90
C SER A 166 13.82 2.64 -41.94
N THR A 167 14.26 1.46 -41.48
CA THR A 167 14.50 0.34 -42.40
C THR A 167 13.19 -0.15 -42.98
N LEU A 168 12.16 -0.23 -42.14
CA LEU A 168 10.84 -0.67 -42.59
C LEU A 168 10.25 0.29 -43.60
N GLU A 169 10.36 1.59 -43.33
CA GLU A 169 9.83 2.60 -44.24
C GLU A 169 10.58 2.64 -45.57
N ALA A 170 11.91 2.67 -45.53
CA ALA A 170 12.67 2.70 -46.78
C ALA A 170 12.41 1.42 -47.59
N SER A 171 12.25 0.30 -46.91
CA SER A 171 12.00 -0.96 -47.58
C SER A 171 10.70 -0.90 -48.37
N LEU A 172 9.63 -0.43 -47.73
CA LEU A 172 8.35 -0.34 -48.41
C LEU A 172 8.49 0.51 -49.66
N ASP A 173 9.36 1.51 -49.59
CA ASP A 173 9.60 2.39 -50.73
C ASP A 173 10.23 1.61 -51.87
N ILE A 174 11.43 1.07 -51.63
CA ILE A 174 12.16 0.31 -52.64
C ILE A 174 11.28 -0.74 -53.27
N LYS A 175 10.60 -1.52 -52.43
CA LYS A 175 9.71 -2.58 -52.86
C LYS A 175 8.69 -2.09 -53.88
N SER A 176 8.25 -0.85 -53.70
CA SER A 176 7.26 -0.22 -54.56
C SER A 176 7.69 -0.07 -56.01
N MET A 177 8.98 0.13 -56.24
CA MET A 177 9.45 0.35 -57.60
C MET A 177 10.69 -0.44 -58.02
N CYS A 178 10.99 -1.51 -57.32
CA CYS A 178 12.17 -2.30 -57.63
C CYS A 178 12.14 -2.98 -58.99
N GLU A 179 11.00 -2.94 -59.67
CA GLU A 179 10.91 -3.58 -60.98
C GLU A 179 11.43 -2.66 -62.08
N THR A 180 11.26 -1.36 -61.87
CA THR A 180 11.66 -0.34 -62.82
C THR A 180 12.92 0.39 -62.38
N SER A 181 12.91 0.86 -61.14
CA SER A 181 14.00 1.63 -60.59
C SER A 181 14.96 0.84 -59.71
N THR A 182 15.59 1.54 -58.77
CA THR A 182 16.56 0.99 -57.84
C THR A 182 16.15 -0.35 -57.21
N LYS A 183 17.09 -1.28 -57.12
CA LYS A 183 16.78 -2.58 -56.53
C LYS A 183 17.66 -2.96 -55.35
N VAL A 184 18.57 -2.08 -54.96
CA VAL A 184 19.43 -2.34 -53.82
C VAL A 184 19.56 -1.07 -53.00
N PHE A 185 19.09 -1.12 -51.76
CA PHE A 185 19.18 0.04 -50.90
C PHE A 185 20.05 -0.25 -49.69
N ILE A 186 21.02 0.63 -49.43
CA ILE A 186 21.94 0.47 -48.31
C ILE A 186 21.77 1.61 -47.33
N LEU A 187 21.65 1.27 -46.05
CA LEU A 187 21.46 2.24 -44.98
C LEU A 187 22.56 2.06 -43.94
N GLU A 188 23.51 2.99 -43.93
CA GLU A 188 24.63 2.94 -43.00
C GLU A 188 24.23 3.49 -41.64
N VAL A 189 24.44 2.69 -40.60
CA VAL A 189 24.08 3.07 -39.24
C VAL A 189 25.30 3.14 -38.34
N MET A 190 25.13 3.66 -37.13
CA MET A 190 26.22 3.77 -36.17
C MET A 190 26.60 2.39 -35.61
N GLY A 191 27.74 2.34 -34.94
CA GLY A 191 28.22 1.09 -34.37
C GLY A 191 29.58 0.71 -34.91
N ARG A 192 30.64 1.16 -34.24
CA ARG A 192 32.01 0.86 -34.68
C ARG A 192 32.56 -0.50 -34.28
N HIS A 193 32.37 -0.91 -33.04
CA HIS A 193 32.91 -2.21 -32.61
C HIS A 193 31.79 -3.16 -32.21
N ALA A 194 30.61 -2.61 -32.00
CA ALA A 194 29.43 -3.37 -31.63
C ALA A 194 28.38 -3.32 -32.75
N GLY A 195 27.60 -4.40 -32.89
CA GLY A 195 26.58 -4.42 -33.93
C GLY A 195 25.16 -4.37 -33.40
N TRP A 196 25.00 -3.94 -32.16
CA TRP A 196 23.67 -3.82 -31.53
C TRP A 196 22.74 -2.93 -32.33
N ILE A 197 23.26 -1.80 -32.81
CA ILE A 197 22.44 -0.88 -33.58
C ILE A 197 22.02 -1.51 -34.90
N ALA A 198 22.98 -2.06 -35.63
CA ALA A 198 22.69 -2.69 -36.91
C ALA A 198 21.67 -3.81 -36.69
N ALA A 199 21.83 -4.54 -35.60
CA ALA A 199 20.93 -5.64 -35.28
C ALA A 199 19.48 -5.17 -35.17
N ALA A 200 19.27 -3.95 -34.66
CA ALA A 200 17.93 -3.41 -34.53
C ALA A 200 17.23 -3.35 -35.89
N GLY A 201 18.01 -3.21 -36.96
CA GLY A 201 17.42 -3.16 -38.28
C GLY A 201 16.62 -4.41 -38.63
N GLY A 202 17.04 -5.56 -38.11
CA GLY A 202 16.36 -6.81 -38.39
C GLY A 202 14.94 -6.87 -37.85
N LEU A 203 14.63 -6.02 -36.89
CA LEU A 203 13.28 -6.01 -36.31
C LEU A 203 12.23 -5.57 -37.32
N ALA A 204 12.67 -5.08 -38.47
CA ALA A 204 11.77 -4.61 -39.53
C ALA A 204 11.07 -5.76 -40.24
N GLY A 205 11.81 -6.84 -40.47
CA GLY A 205 11.24 -8.01 -41.11
C GLY A 205 11.38 -9.19 -40.19
N GLN A 206 10.39 -10.08 -40.19
CA GLN A 206 10.43 -11.24 -39.32
C GLN A 206 10.67 -12.59 -39.95
N SER A 207 10.40 -12.73 -41.25
CA SER A 207 10.62 -13.99 -41.94
C SER A 207 11.80 -13.87 -42.91
N GLU A 208 11.92 -14.82 -43.81
CA GLU A 208 13.02 -14.80 -44.77
C GLU A 208 12.45 -14.27 -46.07
N GLY A 209 13.18 -13.37 -46.70
CA GLY A 209 12.71 -12.81 -47.96
C GLY A 209 12.28 -11.38 -47.74
N GLU A 210 11.93 -11.05 -46.49
CA GLU A 210 11.52 -9.69 -46.20
C GLU A 210 12.65 -8.95 -45.48
N PRO A 211 12.79 -7.64 -45.76
CA PRO A 211 13.78 -6.69 -45.23
C PRO A 211 14.01 -6.65 -43.73
N PRO A 212 15.26 -6.48 -43.30
CA PRO A 212 16.47 -6.32 -44.13
C PRO A 212 17.06 -7.66 -44.56
N HIS A 213 17.43 -7.78 -45.82
CA HIS A 213 17.99 -9.02 -46.36
C HIS A 213 19.41 -9.25 -45.90
N VAL A 214 20.14 -8.16 -45.67
CA VAL A 214 21.52 -8.24 -45.22
C VAL A 214 21.82 -7.23 -44.13
N ILE A 215 22.45 -7.71 -43.06
CA ILE A 215 22.84 -6.85 -41.94
C ILE A 215 24.34 -7.05 -41.75
N LEU A 216 25.12 -6.01 -41.97
CA LEU A 216 26.56 -6.11 -41.79
C LEU A 216 26.93 -5.76 -40.37
N PHE A 217 27.38 -6.77 -39.63
CA PHE A 217 27.78 -6.64 -38.24
C PHE A 217 29.30 -6.47 -38.15
N PRO A 218 29.78 -5.63 -37.21
CA PRO A 218 31.24 -5.51 -37.15
C PRO A 218 31.84 -6.77 -36.50
N GLU A 219 30.98 -7.56 -35.86
CA GLU A 219 31.41 -8.79 -35.21
C GLU A 219 31.72 -9.89 -36.22
N ILE A 220 31.17 -9.75 -37.43
CA ILE A 220 31.40 -10.73 -38.49
C ILE A 220 32.28 -10.14 -39.57
N PRO A 221 33.41 -10.79 -39.87
CA PRO A 221 34.28 -10.26 -40.92
C PRO A 221 33.54 -10.20 -42.25
N PHE A 222 33.77 -9.11 -42.99
CA PHE A 222 33.13 -8.89 -44.27
C PHE A 222 33.66 -9.79 -45.38
N ASN A 223 32.84 -10.72 -45.85
CA ASN A 223 33.22 -11.62 -46.92
C ASN A 223 32.57 -11.12 -48.21
N ARG A 224 33.26 -10.23 -48.91
CA ARG A 224 32.75 -9.65 -50.15
C ARG A 224 32.00 -10.60 -51.09
N GLU A 225 32.61 -11.76 -51.39
CA GLU A 225 31.98 -12.72 -52.28
C GLU A 225 30.66 -13.23 -51.72
N LYS A 226 30.62 -13.49 -50.42
CA LYS A 226 29.39 -13.98 -49.77
C LYS A 226 28.32 -12.89 -49.79
N PHE A 227 28.76 -11.65 -49.60
CA PHE A 227 27.87 -10.50 -49.62
C PHE A 227 27.28 -10.30 -51.01
N LEU A 228 28.15 -10.04 -51.98
CA LEU A 228 27.73 -9.83 -53.35
C LEU A 228 26.78 -10.89 -53.89
N GLU A 229 26.93 -12.14 -53.45
CA GLU A 229 26.06 -13.17 -53.95
C GLU A 229 24.75 -13.28 -53.20
N ARG A 230 24.74 -12.82 -51.95
CA ARG A 230 23.52 -12.87 -51.16
C ARG A 230 22.59 -11.77 -51.67
N VAL A 231 23.15 -10.60 -51.93
CA VAL A 231 22.37 -9.49 -52.44
C VAL A 231 21.85 -9.86 -53.82
N ASP A 232 22.74 -10.23 -54.73
CA ASP A 232 22.33 -10.62 -56.07
C ASP A 232 21.23 -11.68 -55.99
N GLN A 233 21.42 -12.64 -55.10
CA GLN A 233 20.42 -13.69 -54.93
C GLN A 233 19.09 -13.10 -54.51
N CYS A 234 19.13 -12.06 -53.69
CA CYS A 234 17.92 -11.40 -53.21
C CYS A 234 17.17 -10.60 -54.25
N VAL A 235 17.88 -9.79 -55.03
CA VAL A 235 17.22 -8.97 -56.05
C VAL A 235 16.48 -9.80 -57.08
N ARG A 236 16.98 -11.00 -57.37
CA ARG A 236 16.32 -11.83 -58.37
C ARG A 236 15.54 -12.97 -57.73
N ASP A 237 15.07 -12.75 -56.51
CA ASP A 237 14.29 -13.75 -55.80
C ASP A 237 13.15 -13.02 -55.12
N TYR A 238 13.44 -11.81 -54.63
CA TYR A 238 12.46 -11.00 -53.95
C TYR A 238 12.22 -9.71 -54.71
N GLY A 239 13.03 -9.48 -55.75
CA GLY A 239 12.89 -8.28 -56.55
C GLY A 239 13.80 -7.13 -56.17
N TYR A 240 14.33 -7.16 -54.96
CA TYR A 240 15.21 -6.11 -54.48
C TYR A 240 15.94 -6.59 -53.25
N CYS A 241 16.80 -5.73 -52.71
CA CYS A 241 17.59 -6.08 -51.53
C CYS A 241 18.01 -4.85 -50.72
N VAL A 242 17.70 -4.84 -49.43
CA VAL A 242 18.07 -3.73 -48.57
C VAL A 242 19.06 -4.19 -47.52
N VAL A 243 20.20 -3.51 -47.44
CA VAL A 243 21.21 -3.88 -46.47
C VAL A 243 21.42 -2.78 -45.46
N VAL A 244 21.51 -3.17 -44.19
CA VAL A 244 21.74 -2.22 -43.12
C VAL A 244 23.16 -2.52 -42.66
N ALA A 245 24.07 -1.60 -42.98
CA ALA A 245 25.47 -1.78 -42.64
C ALA A 245 25.96 -0.81 -41.57
N SER A 246 26.64 -1.32 -40.55
CA SER A 246 27.15 -0.45 -39.51
C SER A 246 28.48 0.13 -39.99
N GLU A 247 28.79 1.34 -39.56
CA GLU A 247 30.03 1.99 -39.96
C GLU A 247 31.23 1.13 -39.60
N GLY A 248 31.02 0.15 -38.72
CA GLY A 248 32.10 -0.72 -38.29
C GLY A 248 32.35 -1.94 -39.14
N ALA A 249 31.83 -1.98 -40.36
CA ALA A 249 32.06 -3.11 -41.24
C ALA A 249 33.57 -3.24 -41.45
N GLN A 250 34.12 -4.38 -41.08
CA GLN A 250 35.56 -4.62 -41.19
C GLN A 250 35.87 -6.05 -41.60
N TYR A 251 37.15 -6.31 -41.85
CA TYR A 251 37.61 -7.65 -42.21
C TYR A 251 38.28 -8.30 -41.00
N GLU A 252 39.62 -8.28 -40.97
CA GLU A 252 40.36 -8.86 -39.86
C GLU A 252 41.66 -8.10 -39.62
N ARG A 255 38.19 -2.10 -42.48
CA ARG A 255 37.03 -1.22 -42.60
C ARG A 255 36.41 -1.25 -43.99
N PHE A 256 35.36 -0.45 -44.21
CA PHE A 256 34.69 -0.41 -45.49
C PHE A 256 34.16 -1.79 -45.89
N GLY A 273 32.51 6.48 -46.97
CA GLY A 273 32.01 5.74 -45.83
C GLY A 273 31.61 4.48 -46.30
N VAL A 274 30.98 3.67 -45.62
CA VAL A 274 30.62 2.39 -46.01
C VAL A 274 29.54 2.24 -46.93
N ALA A 275 28.60 3.06 -46.86
CA ALA A 275 27.51 2.98 -47.71
C ALA A 275 27.83 3.08 -49.17
N PRO A 276 28.60 4.01 -49.53
CA PRO A 276 28.91 4.13 -50.87
C PRO A 276 29.91 3.16 -51.50
N ALA A 277 30.58 2.55 -50.65
CA ALA A 277 31.52 1.54 -50.85
C ALA A 277 30.98 0.25 -51.27
N LEU A 278 30.18 -0.34 -50.50
CA LEU A 278 29.29 -1.28 -50.91
C LEU A 278 28.45 -1.02 -51.95
N ALA A 279 27.84 0.10 -52.07
CA ALA A 279 27.06 0.41 -53.27
C ALA A 279 27.90 0.21 -54.52
N ASN A 280 29.12 0.73 -54.50
CA ASN A 280 30.00 0.59 -55.66
C ASN A 280 30.26 -0.89 -55.94
N MET A 281 30.43 -1.66 -54.88
CA MET A 281 30.66 -3.09 -55.03
C MET A 281 29.56 -3.72 -55.86
N VAL A 282 28.31 -3.57 -55.43
CA VAL A 282 27.18 -4.16 -56.16
C VAL A 282 27.06 -3.65 -57.58
N LYS A 283 27.37 -2.37 -57.80
CA LYS A 283 27.26 -1.80 -59.12
C LYS A 283 28.25 -2.44 -60.09
N GLN A 284 29.54 -2.29 -59.79
CA GLN A 284 30.56 -2.84 -60.64
C GLN A 284 30.52 -4.36 -60.76
N ALA A 285 29.92 -5.02 -59.78
CA ALA A 285 29.87 -6.48 -59.81
C ALA A 285 28.53 -7.11 -60.18
N LEU A 286 27.42 -6.42 -59.90
CA LEU A 286 26.11 -6.98 -60.22
C LEU A 286 25.32 -6.08 -61.17
N GLY A 287 25.78 -4.84 -61.31
CA GLY A 287 25.12 -3.89 -62.20
C GLY A 287 23.75 -3.38 -61.77
N HIS A 288 23.34 -3.70 -60.56
CA HIS A 288 22.04 -3.26 -60.09
C HIS A 288 22.03 -1.78 -59.69
N LYS A 289 20.90 -1.12 -59.96
CA LYS A 289 20.73 0.27 -59.60
C LYS A 289 20.64 0.31 -58.08
N TYR A 290 21.45 1.16 -57.46
CA TYR A 290 21.47 1.25 -56.02
C TYR A 290 21.05 2.62 -55.47
N HIS A 291 20.95 2.68 -54.14
CA HIS A 291 20.60 3.89 -53.42
C HIS A 291 21.11 3.70 -52.02
N TRP A 292 21.57 4.79 -51.41
CA TRP A 292 22.08 4.70 -50.05
C TRP A 292 21.72 5.94 -49.24
N ALA A 293 21.81 5.82 -47.92
CA ALA A 293 21.52 6.91 -47.00
C ALA A 293 22.50 6.76 -45.86
N VAL A 294 22.75 7.84 -45.14
CA VAL A 294 23.66 7.77 -44.01
C VAL A 294 22.99 8.59 -42.94
N ALA A 295 22.35 7.92 -41.98
CA ALA A 295 21.63 8.62 -40.92
C ALA A 295 22.50 9.47 -39.98
N ASP A 296 23.72 9.01 -39.72
CA ASP A 296 24.63 9.73 -38.82
C ASP A 296 23.89 10.15 -37.55
N TYR A 297 24.16 11.39 -37.12
CA TYR A 297 23.59 11.95 -35.90
C TYR A 297 22.06 11.88 -35.82
N LEU A 298 21.41 11.66 -36.96
CA LEU A 298 19.96 11.61 -36.97
C LEU A 298 19.41 10.51 -36.08
N GLN A 299 20.04 9.33 -36.15
CA GLN A 299 19.62 8.17 -35.37
C GLN A 299 19.72 8.35 -33.88
N ARG A 300 20.69 9.15 -33.42
CA ARG A 300 20.84 9.37 -31.98
C ARG A 300 20.16 10.65 -31.52
N ALA A 301 19.43 11.30 -32.40
CA ALA A 301 18.78 12.55 -32.02
C ALA A 301 17.30 12.52 -32.32
N ALA A 302 16.83 11.41 -32.86
CA ALA A 302 15.44 11.22 -33.24
C ALA A 302 14.48 10.97 -32.05
N ARG A 303 14.32 11.98 -31.20
CA ARG A 303 13.44 11.89 -30.04
C ARG A 303 11.99 11.79 -30.48
N HIS A 304 11.71 12.11 -31.74
CA HIS A 304 10.33 12.07 -32.22
C HIS A 304 9.78 10.65 -32.29
N ILE A 305 10.66 9.66 -32.47
CA ILE A 305 10.26 8.25 -32.47
C ILE A 305 11.11 7.53 -31.44
N ALA A 306 11.21 8.11 -30.26
CA ALA A 306 11.99 7.48 -29.21
C ALA A 306 11.21 6.27 -28.72
N SER A 307 11.84 5.43 -27.92
CA SER A 307 11.18 4.25 -27.39
C SER A 307 10.63 4.62 -26.03
N ALA A 308 9.35 4.35 -25.80
CA ALA A 308 8.76 4.70 -24.51
C ALA A 308 9.50 3.97 -23.39
N THR A 309 9.72 2.68 -23.56
CA THR A 309 10.39 1.93 -22.50
C THR A 309 11.79 2.50 -22.31
N ASP A 310 12.40 2.96 -23.39
CA ASP A 310 13.73 3.56 -23.30
C ASP A 310 13.70 4.87 -22.53
N VAL A 311 12.84 5.82 -22.91
CA VAL A 311 12.85 7.06 -22.15
C VAL A 311 12.36 6.79 -20.73
N GLU A 312 11.58 5.73 -20.55
CA GLU A 312 11.08 5.40 -19.23
C GLU A 312 12.27 5.00 -18.38
N GLN A 313 13.12 4.15 -18.95
CA GLN A 313 14.31 3.69 -18.25
C GLN A 313 15.35 4.78 -18.05
N ALA A 314 15.46 5.70 -19.01
CA ALA A 314 16.42 6.78 -18.90
C ALA A 314 16.06 7.63 -17.68
N TYR A 315 14.77 7.80 -17.45
CA TYR A 315 14.34 8.58 -16.32
C TYR A 315 14.65 7.84 -15.02
N ALA A 316 14.21 6.58 -14.98
CA ALA A 316 14.39 5.71 -13.81
C ALA A 316 15.81 5.59 -13.27
N VAL A 317 16.79 5.39 -14.15
CA VAL A 317 18.17 5.29 -13.67
C VAL A 317 18.60 6.63 -13.04
N GLY A 318 18.06 7.72 -13.54
CA GLY A 318 18.41 9.03 -13.00
C GLY A 318 17.81 9.21 -11.61
N LYS A 319 16.56 8.76 -11.46
CA LYS A 319 15.87 8.85 -10.16
C LYS A 319 16.55 7.93 -9.16
N ALA A 320 16.84 6.71 -9.59
CA ALA A 320 17.48 5.71 -8.74
C ALA A 320 18.90 6.08 -8.28
N ALA A 321 19.60 6.88 -9.06
CA ALA A 321 20.94 7.28 -8.66
C ALA A 321 20.80 8.29 -7.52
N VAL A 322 19.80 9.15 -7.60
CA VAL A 322 19.60 10.13 -6.53
C VAL A 322 19.08 9.43 -5.28
N GLU A 323 18.37 8.33 -5.47
CA GLU A 323 17.83 7.58 -4.34
C GLU A 323 18.91 6.79 -3.62
N MET A 324 19.75 6.12 -4.40
CA MET A 324 20.86 5.34 -3.85
C MET A 324 21.73 6.28 -3.03
N ALA A 325 21.90 7.52 -3.50
CA ALA A 325 22.75 8.49 -2.79
C ALA A 325 22.07 8.97 -1.52
N LEU A 326 20.74 8.96 -1.52
CA LEU A 326 20.01 9.38 -0.34
C LEU A 326 20.12 8.26 0.68
N ALA A 327 19.98 7.02 0.22
CA ALA A 327 20.10 5.86 1.13
C ALA A 327 21.51 5.73 1.70
N GLY A 328 22.41 6.61 1.27
CA GLY A 328 23.79 6.55 1.76
C GLY A 328 24.69 5.54 1.07
N LYS A 329 24.23 4.94 -0.03
CA LYS A 329 25.05 3.98 -0.77
C LYS A 329 26.19 4.70 -1.46
N GLN A 330 27.21 3.98 -1.90
CA GLN A 330 28.36 4.64 -2.53
C GLN A 330 28.96 3.95 -3.76
N ALA A 331 29.45 4.77 -4.69
CA ALA A 331 30.10 4.27 -5.88
C ALA A 331 29.35 3.18 -6.63
N LEU A 332 28.12 3.45 -7.02
CA LEU A 332 27.33 2.48 -7.77
C LEU A 332 26.79 3.12 -9.06
N MET A 333 26.41 2.27 -10.00
CA MET A 333 25.81 2.69 -11.29
C MET A 333 24.44 2.00 -11.27
N PRO A 334 23.34 2.75 -11.52
CA PRO A 334 22.06 2.03 -11.50
C PRO A 334 21.97 1.16 -12.72
N THR A 335 21.13 0.15 -12.62
CA THR A 335 21.01 -0.73 -13.75
C THR A 335 19.56 -1.02 -14.08
N ILE A 336 19.39 -1.69 -15.20
CA ILE A 336 18.08 -2.09 -15.67
C ILE A 336 18.15 -3.60 -15.56
N VAL A 337 17.17 -4.21 -14.91
CA VAL A 337 17.20 -5.65 -14.81
C VAL A 337 15.92 -6.18 -15.43
N ARG A 338 16.07 -7.18 -16.29
CA ARG A 338 14.93 -7.80 -16.95
C ARG A 338 14.35 -8.88 -16.02
N ASP A 339 13.35 -8.51 -15.24
CA ASP A 339 12.74 -9.45 -14.30
C ASP A 339 11.78 -10.39 -14.99
N GLN A 340 11.73 -10.31 -16.32
CA GLN A 340 10.84 -11.18 -17.08
C GLN A 340 10.96 -10.92 -18.57
N ALA A 341 11.35 -11.96 -19.31
CA ALA A 341 11.50 -11.87 -20.76
C ALA A 341 10.09 -11.84 -21.32
N LYS A 342 9.34 -12.93 -21.09
CA LYS A 342 7.95 -13.02 -21.53
C LYS A 342 7.37 -11.68 -21.04
N PRO A 343 6.21 -11.26 -21.55
CA PRO A 343 5.64 -9.97 -21.12
C PRO A 343 6.66 -9.09 -20.38
N TYR A 344 7.75 -8.77 -21.09
CA TYR A 344 8.89 -7.98 -20.60
C TYR A 344 8.69 -7.14 -19.36
N ARG A 345 9.42 -7.45 -18.30
CA ARG A 345 9.33 -6.68 -17.05
C ARG A 345 10.73 -6.24 -16.62
N TRP A 346 10.85 -5.01 -16.12
CA TRP A 346 12.15 -4.53 -15.69
C TRP A 346 12.08 -3.63 -14.45
N SER A 347 13.23 -3.46 -13.82
CA SER A 347 13.37 -2.60 -12.65
C SER A 347 14.83 -2.16 -12.60
N ILE A 348 15.14 -1.32 -11.63
CA ILE A 348 16.49 -0.82 -11.44
C ILE A 348 17.27 -1.62 -10.41
N GLY A 349 18.49 -1.98 -10.78
CA GLY A 349 19.37 -2.72 -9.89
C GLY A 349 20.60 -1.88 -9.65
N GLU A 350 21.64 -2.48 -9.08
CA GLU A 350 22.86 -1.75 -8.80
C GLU A 350 24.10 -2.46 -9.32
N ALA A 351 25.17 -1.70 -9.52
CA ALA A 351 26.43 -2.26 -9.99
C ALA A 351 27.59 -1.43 -9.47
N ASN A 352 28.66 -2.11 -9.07
CA ASN A 352 29.86 -1.47 -8.55
C ASN A 352 30.67 -0.79 -9.64
N LEU A 353 30.75 0.54 -9.57
CA LEU A 353 31.51 1.30 -10.57
C LEU A 353 32.89 0.67 -10.75
N SER A 354 33.49 0.29 -9.63
CA SER A 354 34.83 -0.29 -9.62
C SER A 354 35.07 -1.36 -10.67
N GLU A 355 33.99 -2.05 -11.04
CA GLU A 355 34.11 -3.12 -12.01
C GLU A 355 33.48 -2.82 -13.36
N VAL A 356 32.77 -1.72 -13.48
CA VAL A 356 32.17 -1.39 -14.76
C VAL A 356 33.26 -1.23 -15.81
N ALA A 357 34.36 -0.60 -15.42
CA ALA A 357 35.47 -0.42 -16.37
C ALA A 357 36.23 -1.73 -16.43
N ASN A 358 36.79 -1.96 -17.56
CA ASN A 358 37.47 -3.16 -17.77
C ASN A 358 36.61 -4.35 -17.73
N GLN A 359 35.36 -4.15 -18.04
CA GLN A 359 34.43 -5.01 -18.59
C GLN A 359 33.68 -4.32 -19.67
N GLU A 360 33.08 -5.10 -20.50
CA GLU A 360 32.19 -4.45 -21.47
C GLU A 360 31.09 -5.31 -21.96
N LYS A 361 30.52 -5.05 -23.04
CA LYS A 361 29.54 -5.92 -23.34
C LYS A 361 29.39 -6.21 -24.71
N LYS A 362 29.92 -7.37 -24.93
CA LYS A 362 30.00 -7.74 -26.34
C LYS A 362 28.71 -8.41 -26.82
N MET A 363 28.40 -8.27 -28.11
CA MET A 363 27.21 -8.89 -28.71
C MET A 363 27.47 -10.40 -28.92
N PRO A 364 26.68 -11.25 -28.23
CA PRO A 364 26.80 -12.71 -28.31
C PRO A 364 26.54 -13.30 -29.70
N ILE A 365 27.57 -13.89 -30.29
CA ILE A 365 27.44 -14.44 -31.65
C ILE A 365 26.21 -15.30 -31.93
N HIS A 366 25.66 -15.95 -30.91
CA HIS A 366 24.47 -16.78 -31.16
C HIS A 366 23.25 -15.88 -31.36
N TYR A 367 23.52 -14.60 -31.60
CA TYR A 367 22.49 -13.61 -31.87
C TYR A 367 22.50 -13.36 -33.38
N ILE A 368 23.61 -13.73 -34.02
CA ILE A 368 23.77 -13.56 -35.46
C ILE A 368 23.55 -14.90 -36.19
N THR A 369 22.78 -14.86 -37.27
CA THR A 369 22.49 -16.04 -38.06
C THR A 369 23.77 -16.61 -38.67
N ASP A 370 23.75 -17.90 -38.99
CA ASP A 370 24.92 -18.55 -39.58
C ASP A 370 25.32 -17.93 -40.89
N ASN A 371 24.34 -17.35 -41.59
CA ASN A 371 24.56 -16.68 -42.89
C ASN A 371 25.50 -15.53 -42.62
N GLY A 372 25.51 -15.10 -41.36
CA GLY A 372 26.35 -14.00 -40.95
C GLY A 372 25.68 -12.67 -41.24
N PHE A 373 24.61 -12.71 -42.04
CA PHE A 373 23.87 -11.51 -42.45
C PHE A 373 22.48 -11.41 -41.84
N GLY A 374 22.28 -12.03 -40.70
CA GLY A 374 20.97 -11.96 -40.09
C GLY A 374 20.94 -11.98 -38.58
N ILE A 375 19.78 -11.64 -38.04
CA ILE A 375 19.57 -11.63 -36.61
C ILE A 375 18.92 -12.99 -36.30
N THR A 376 19.10 -13.50 -35.09
CA THR A 376 18.49 -14.79 -34.71
C THR A 376 17.30 -14.56 -33.77
N GLN A 377 16.50 -15.60 -33.57
CA GLN A 377 15.32 -15.47 -32.70
C GLN A 377 15.68 -15.05 -31.28
N ASP A 378 16.84 -15.49 -30.80
CA ASP A 378 17.31 -15.13 -29.47
C ASP A 378 17.59 -13.63 -29.39
N CYS A 379 17.98 -13.06 -30.52
CA CYS A 379 18.26 -11.64 -30.58
C CYS A 379 16.95 -10.85 -30.60
N ARG A 380 15.93 -11.37 -31.28
CA ARG A 380 14.65 -10.68 -31.31
C ARG A 380 14.03 -10.64 -29.92
N ASP A 381 14.14 -11.75 -29.21
CA ASP A 381 13.58 -11.89 -27.87
C ASP A 381 14.15 -10.84 -26.94
N TYR A 382 15.39 -10.45 -27.22
CA TYR A 382 16.09 -9.47 -26.42
C TYR A 382 15.77 -8.02 -26.78
N LEU A 383 15.74 -7.74 -28.07
CA LEU A 383 15.50 -6.40 -28.59
C LEU A 383 14.07 -5.88 -28.61
N GLN A 384 13.19 -6.60 -29.31
CA GLN A 384 11.80 -6.21 -29.47
C GLN A 384 11.14 -5.45 -28.33
N PRO A 385 11.28 -5.95 -27.10
CA PRO A 385 10.65 -5.24 -25.99
C PRO A 385 11.29 -3.88 -25.68
N LEU A 386 12.56 -3.74 -26.04
CA LEU A 386 13.33 -2.53 -25.79
C LEU A 386 12.83 -1.32 -26.59
N ILE A 387 12.23 -1.60 -27.75
CA ILE A 387 11.72 -0.52 -28.60
C ILE A 387 10.22 -0.37 -28.43
N ALA A 388 9.67 -1.04 -27.43
CA ALA A 388 8.23 -1.01 -27.20
C ALA A 388 7.65 0.32 -26.80
N GLY A 389 6.48 0.64 -27.34
CA GLY A 389 5.78 1.86 -27.02
C GLY A 389 6.35 3.12 -27.63
N GLU A 390 5.50 4.13 -27.78
CA GLU A 390 5.96 5.39 -28.33
C GLU A 390 5.85 6.50 -27.31
N SER A 391 6.85 7.36 -27.32
CA SER A 391 6.87 8.49 -26.43
C SER A 391 7.06 9.69 -27.32
N PHE A 392 6.02 10.05 -28.06
CA PHE A 392 6.12 11.20 -28.93
C PHE A 392 6.22 12.42 -28.04
N PRO A 393 7.07 13.39 -28.39
CA PRO A 393 7.18 14.57 -27.55
C PRO A 393 6.07 15.54 -27.90
N PRO A 394 5.78 16.50 -27.03
CA PRO A 394 4.72 17.42 -27.46
C PRO A 394 5.16 18.21 -28.70
N PHE A 395 4.21 18.63 -29.53
CA PHE A 395 4.55 19.40 -30.73
C PHE A 395 4.00 20.83 -30.70
N ASP A 396 4.82 21.79 -31.11
CA ASP A 396 4.42 23.21 -31.17
C ASP A 396 4.68 23.76 -32.57
N ASP A 397 3.63 24.23 -33.23
CA ASP A 397 3.76 24.79 -34.58
C ASP A 397 4.46 23.84 -35.54
N GLY A 398 4.01 22.60 -35.56
CA GLY A 398 4.58 21.62 -36.46
C GLY A 398 5.86 20.92 -36.03
N LEU A 399 6.57 21.49 -35.06
CA LEU A 399 7.81 20.89 -34.62
C LEU A 399 7.80 20.43 -33.15
N PRO A 400 8.72 19.53 -32.79
CA PRO A 400 8.81 19.01 -31.43
C PRO A 400 9.24 20.13 -30.48
N ARG A 401 8.60 20.21 -29.31
CA ARG A 401 8.93 21.26 -28.33
C ARG A 401 10.23 20.89 -27.63
N VAL A 402 11.08 21.89 -27.34
CA VAL A 402 12.37 21.65 -26.67
C VAL A 402 12.55 22.45 -25.37
N ALA A 403 13.31 21.87 -24.45
CA ALA A 403 13.61 22.46 -23.15
C ALA A 403 13.56 23.96 -22.95
N LYS A 404 14.60 24.66 -23.40
CA LYS A 404 14.72 26.12 -23.21
C LYS A 404 15.10 26.41 -21.78
N LEU A 405 16.40 26.29 -21.50
CA LEU A 405 16.94 26.52 -20.16
C LEU A 405 17.70 27.84 -20.07
N LYS A 406 17.81 28.37 -18.85
CA LYS A 406 18.52 29.60 -18.63
C LYS A 406 19.98 29.22 -18.67
N ASN A 407 20.31 28.16 -17.95
CA ASN A 407 21.67 27.66 -17.85
C ASN A 407 22.61 28.76 -17.40
N GLN A 408 22.29 29.37 -16.25
CA GLN A 408 23.09 30.44 -15.69
C GLN A 408 24.20 29.90 -14.84
N LEU A 409 25.33 30.61 -14.85
CA LEU A 409 26.45 30.17 -14.06
C LEU A 409 26.42 30.76 -12.67
N VAL A 410 27.02 30.02 -11.75
CA VAL A 410 27.14 30.43 -10.37
C VAL A 410 28.39 31.31 -10.40
N GLU A 411 28.53 32.18 -9.41
CA GLU A 411 29.68 33.07 -9.32
C GLU A 411 30.96 32.30 -8.98
N LYS A 412 31.98 32.45 -9.80
CA LYS A 412 33.26 31.77 -9.58
C LYS A 412 33.66 31.82 -8.11
N LYS A 413 34.75 31.13 -7.79
CA LYS A 413 35.24 31.07 -6.42
C LYS A 413 36.74 30.83 -6.38
N LEU A 414 37.20 29.86 -7.17
CA LEU A 414 38.62 29.52 -7.23
C LEU A 414 39.43 30.64 -7.87
N ARG A 415 40.59 30.30 -8.39
CA ARG A 415 41.46 31.27 -9.04
C ARG A 415 41.88 30.81 -10.43
N THR A 416 40.89 30.38 -11.22
CA THR A 416 41.16 29.91 -12.57
C THR A 416 41.74 28.50 -12.58
N GLU A 417 41.98 27.96 -13.76
CA GLU A 417 42.53 26.62 -13.91
C GLU A 417 42.54 26.18 -15.36
N PHE A 418 43.69 25.72 -15.84
CA PHE A 418 43.82 25.26 -17.21
C PHE A 418 43.68 23.74 -17.31
N GLU A 419 43.41 23.26 -18.51
CA GLU A 419 43.25 21.82 -18.73
C GLU A 419 44.38 21.27 -19.59
N LEU A 420 44.21 20.03 -20.04
CA LEU A 420 45.23 19.38 -20.87
C LEU A 420 44.86 19.46 -22.35
N ILE B 3 23.61 5.39 40.92
CA ILE B 3 23.18 5.59 39.50
C ILE B 3 23.21 4.31 38.65
N LYS B 4 22.36 3.33 39.01
CA LYS B 4 22.29 2.07 38.27
C LYS B 4 20.88 1.64 37.81
N ASN B 5 19.81 2.12 38.44
CA ASN B 5 18.45 1.75 37.98
C ASN B 5 18.07 2.62 36.80
N ALA B 6 17.01 2.22 36.11
CA ALA B 6 16.54 2.96 34.96
C ALA B 6 15.08 3.33 35.11
N PHE B 7 14.69 4.43 34.48
CA PHE B 7 13.31 4.88 34.53
C PHE B 7 12.74 4.98 33.12
N TYR B 8 11.63 4.27 32.93
CA TYR B 8 10.92 4.25 31.64
C TYR B 8 9.54 4.87 31.82
N ALA B 9 9.13 5.71 30.87
CA ALA B 9 7.82 6.33 30.94
C ALA B 9 7.29 6.55 29.53
N GLN B 10 5.98 6.57 29.41
CA GLN B 10 5.35 6.78 28.12
C GLN B 10 4.81 8.19 28.11
N SER B 11 4.58 8.74 26.92
CA SER B 11 4.08 10.10 26.84
C SER B 11 3.18 10.32 25.64
N GLY B 12 2.12 11.09 25.86
CA GLY B 12 1.19 11.38 24.77
C GLY B 12 0.18 10.28 24.58
N GLY B 13 -0.47 10.28 23.42
CA GLY B 13 -1.45 9.26 23.15
C GLY B 13 -0.78 7.92 23.00
N VAL B 14 -1.43 6.88 23.48
CA VAL B 14 -0.87 5.54 23.39
C VAL B 14 -0.99 4.98 21.98
N THR B 15 -0.35 3.85 21.75
CA THR B 15 -0.33 3.25 20.43
C THR B 15 -0.58 1.77 20.54
N ALA B 16 -0.87 1.12 19.42
CA ALA B 16 -1.11 -0.31 19.43
C ALA B 16 0.19 -1.06 19.71
N VAL B 17 1.32 -0.41 19.42
CA VAL B 17 2.63 -1.03 19.60
C VAL B 17 3.57 -0.29 20.54
N ILE B 18 3.11 0.77 21.19
CA ILE B 18 3.99 1.48 22.09
C ILE B 18 4.46 0.55 23.21
N ASN B 19 3.67 -0.48 23.51
CA ASN B 19 4.05 -1.44 24.54
C ASN B 19 5.14 -2.39 23.99
N ALA B 20 5.25 -2.44 22.67
CA ALA B 20 6.26 -3.28 22.04
C ALA B 20 7.60 -2.59 22.36
N SER B 21 7.62 -1.25 22.27
CA SER B 21 8.82 -0.49 22.58
C SER B 21 9.19 -0.75 24.04
N ALA B 22 8.21 -0.69 24.92
CA ALA B 22 8.41 -0.91 26.35
C ALA B 22 9.01 -2.29 26.56
N CYS B 23 8.62 -3.23 25.72
CA CYS B 23 9.12 -4.59 25.80
C CYS B 23 10.58 -4.60 25.35
N GLY B 24 10.84 -3.95 24.23
CA GLY B 24 12.19 -3.89 23.72
C GLY B 24 13.15 -3.26 24.70
N VAL B 25 12.68 -2.25 25.44
CA VAL B 25 13.52 -1.58 26.42
C VAL B 25 13.69 -2.42 27.67
N ILE B 26 12.60 -2.98 28.18
CA ILE B 26 12.68 -3.79 29.40
C ILE B 26 13.46 -5.10 29.24
N GLN B 27 13.20 -5.85 28.18
CA GLN B 27 13.90 -7.13 27.99
C GLN B 27 15.40 -6.99 27.84
N THR B 28 15.85 -6.02 27.06
CA THR B 28 17.30 -5.85 26.88
C THR B 28 17.95 -5.33 28.15
N ALA B 29 17.21 -4.53 28.93
CA ALA B 29 17.77 -4.02 30.17
C ALA B 29 18.04 -5.19 31.10
N ARG B 30 17.15 -6.18 31.08
CA ARG B 30 17.30 -7.37 31.91
C ARG B 30 18.48 -8.22 31.45
N LYS B 31 18.95 -7.97 30.22
CA LYS B 31 20.07 -8.72 29.65
C LYS B 31 21.43 -8.09 30.00
N HIS B 32 21.43 -7.18 30.97
CA HIS B 32 22.67 -6.52 31.37
C HIS B 32 22.64 -6.18 32.86
N PRO B 33 22.30 -7.17 33.71
CA PRO B 33 22.24 -6.95 35.17
C PRO B 33 23.50 -6.34 35.78
N ASP B 34 24.61 -6.38 35.04
CA ASP B 34 25.87 -5.84 35.52
C ASP B 34 26.05 -4.36 35.15
N GLN B 35 25.05 -3.78 34.48
CA GLN B 35 25.12 -2.37 34.10
C GLN B 35 23.86 -1.62 34.52
N ILE B 36 22.73 -2.32 34.50
CA ILE B 36 21.45 -1.74 34.87
C ILE B 36 20.74 -2.60 35.89
N GLY B 37 20.22 -1.97 36.93
CA GLY B 37 19.52 -2.70 37.97
C GLY B 37 18.06 -2.86 37.61
N LYS B 38 17.17 -2.44 38.51
CA LYS B 38 15.74 -2.54 38.26
C LYS B 38 15.25 -1.48 37.26
N VAL B 39 14.24 -1.84 36.48
CA VAL B 39 13.65 -0.92 35.52
C VAL B 39 12.36 -0.40 36.13
N TYR B 40 12.33 0.87 36.48
CA TYR B 40 11.13 1.47 37.06
C TYR B 40 10.29 2.11 35.97
N ALA B 41 8.97 2.00 36.10
CA ALA B 41 8.06 2.60 35.12
C ALA B 41 7.26 3.69 35.79
N GLY B 42 7.12 4.82 35.11
CA GLY B 42 6.38 5.92 35.66
C GLY B 42 4.89 5.64 35.52
N ARG B 43 4.19 5.63 36.66
CA ARG B 43 2.77 5.35 36.62
C ARG B 43 2.08 6.52 35.93
N ASN B 44 1.42 6.23 34.83
CA ASN B 44 0.73 7.27 34.07
C ASN B 44 1.68 8.32 33.50
N GLY B 45 2.88 7.92 33.10
CA GLY B 45 3.83 8.86 32.51
C GLY B 45 4.74 9.53 33.51
N ILE B 46 5.29 10.71 33.16
CA ILE B 46 6.18 11.43 34.07
C ILE B 46 5.44 11.91 35.30
N ILE B 47 4.12 11.95 35.21
CA ILE B 47 3.32 12.34 36.37
C ILE B 47 3.76 11.37 37.48
N GLY B 48 4.06 10.14 37.07
CA GLY B 48 4.49 9.13 38.01
C GLY B 48 5.77 9.50 38.71
N ALA B 49 6.74 10.01 37.96
CA ALA B 49 8.01 10.42 38.53
C ALA B 49 7.76 11.63 39.43
N LEU B 50 6.98 12.58 38.93
CA LEU B 50 6.64 13.77 39.68
C LEU B 50 5.99 13.46 41.03
N LYS B 51 5.01 12.56 41.03
CA LYS B 51 4.29 12.19 42.26
C LYS B 51 5.00 11.03 42.98
N GLU B 52 6.15 10.62 42.43
CA GLU B 52 6.92 9.54 43.00
C GLU B 52 6.11 8.24 43.09
N GLU B 53 5.40 7.92 42.02
CA GLU B 53 4.66 6.67 41.96
C GLU B 53 5.41 5.85 40.93
N LEU B 54 6.41 5.12 41.40
CA LEU B 54 7.25 4.30 40.53
C LEU B 54 6.85 2.83 40.53
N ILE B 55 6.66 2.28 39.33
CA ILE B 55 6.29 0.88 39.21
C ILE B 55 7.55 0.03 39.08
N ASP B 56 7.65 -0.98 39.94
CA ASP B 56 8.79 -1.88 39.92
C ASP B 56 8.50 -2.99 38.92
N THR B 57 9.02 -2.83 37.70
CA THR B 57 8.77 -3.83 36.66
C THR B 57 9.65 -5.06 36.80
N SER B 58 10.48 -5.07 37.83
CA SER B 58 11.33 -6.23 38.04
C SER B 58 10.48 -7.35 38.68
N LEU B 59 9.40 -6.96 39.36
CA LEU B 59 8.52 -7.92 40.00
C LEU B 59 7.64 -8.61 38.98
N GLU B 60 7.84 -8.25 37.71
CA GLU B 60 7.05 -8.83 36.63
C GLU B 60 7.75 -10.02 35.99
N SER B 61 7.01 -11.11 35.78
CA SER B 61 7.58 -12.31 35.19
C SER B 61 7.98 -12.10 33.74
N ASP B 62 8.95 -12.87 33.27
CA ASP B 62 9.42 -12.73 31.89
C ASP B 62 8.27 -12.87 30.89
N ASP B 63 7.33 -13.75 31.20
CA ASP B 63 6.19 -13.96 30.33
C ASP B 63 5.37 -12.69 30.17
N ALA B 64 4.96 -12.11 31.30
CA ALA B 64 4.18 -10.87 31.28
C ALA B 64 4.89 -9.83 30.42
N ILE B 65 6.18 -9.64 30.66
CA ILE B 65 6.94 -8.67 29.89
C ILE B 65 6.91 -9.03 28.40
N GLN B 66 6.96 -10.33 28.10
CA GLN B 66 6.92 -10.78 26.72
C GLN B 66 5.58 -10.44 26.10
N ALA B 67 4.52 -10.48 26.91
CA ALA B 67 3.16 -10.19 26.46
C ALA B 67 3.01 -8.76 25.94
N LEU B 68 3.83 -7.86 26.49
CA LEU B 68 3.80 -6.47 26.11
C LEU B 68 3.85 -6.20 24.60
N ILE B 69 4.45 -7.09 23.83
CA ILE B 69 4.56 -6.83 22.39
C ILE B 69 3.31 -7.13 21.59
N HIS B 70 2.30 -7.70 22.23
CA HIS B 70 1.08 -7.99 21.52
C HIS B 70 -0.14 -7.44 22.24
N THR B 71 0.08 -6.40 23.04
CA THR B 71 -0.99 -5.74 23.76
C THR B 71 -0.94 -4.23 23.53
N PRO B 72 -2.07 -3.64 23.06
CA PRO B 72 -2.15 -2.20 22.78
C PRO B 72 -2.22 -1.34 24.01
N GLY B 73 -2.26 -0.02 23.78
CA GLY B 73 -2.32 0.94 24.88
C GLY B 73 -1.01 1.11 25.63
N GLY B 74 -1.06 1.74 26.78
CA GLY B 74 0.13 1.94 27.59
C GLY B 74 -0.02 1.09 28.84
N ALA B 75 0.76 0.03 28.94
CA ALA B 75 0.68 -0.90 30.07
C ALA B 75 0.88 -0.26 31.43
N PHE B 76 1.61 0.85 31.46
CA PHE B 76 1.90 1.53 32.72
C PHE B 76 1.10 2.83 32.80
N GLY B 77 0.39 3.13 31.73
CA GLY B 77 -0.39 4.34 31.67
C GLY B 77 0.45 5.44 31.05
N SER B 78 -0.21 6.50 30.62
CA SER B 78 0.48 7.64 30.03
C SER B 78 -0.32 8.88 30.35
N CYS B 79 0.17 10.02 29.92
CA CYS B 79 -0.52 11.26 30.19
C CYS B 79 -0.10 12.27 29.14
N ARG B 80 -0.80 13.40 29.09
CA ARG B 80 -0.45 14.41 28.12
C ARG B 80 0.20 15.62 28.78
N TYR B 81 0.61 15.45 30.03
CA TYR B 81 1.24 16.50 30.83
C TYR B 81 2.53 17.04 30.16
N LYS B 82 2.64 18.36 30.05
CA LYS B 82 3.83 19.00 29.47
C LYS B 82 4.43 20.05 30.40
N ARG B 91 12.18 22.98 39.00
CA ARG B 91 11.08 22.56 39.86
C ARG B 91 10.53 21.20 39.45
N GLU B 92 9.84 21.16 38.31
CA GLU B 92 9.29 19.92 37.83
C GLU B 92 10.52 19.14 37.36
N TYR B 93 11.40 19.82 36.63
CA TYR B 93 12.63 19.20 36.16
C TYR B 93 13.50 18.92 37.37
N GLU B 94 13.46 19.82 38.34
CA GLU B 94 14.24 19.66 39.57
C GLU B 94 13.71 18.48 40.39
N ARG B 95 12.39 18.32 40.43
CA ARG B 95 11.76 17.24 41.16
C ARG B 95 12.05 15.92 40.49
N LEU B 96 12.19 15.92 39.16
CA LEU B 96 12.45 14.69 38.43
C LEU B 96 13.81 14.12 38.81
N ILE B 97 14.78 15.00 38.97
CA ILE B 97 16.12 14.56 39.34
C ILE B 97 16.15 14.17 40.82
N GLU B 98 15.39 14.89 41.64
CA GLU B 98 15.34 14.59 43.06
C GLU B 98 14.84 13.17 43.29
N VAL B 99 13.79 12.76 42.57
CA VAL B 99 13.27 11.42 42.76
C VAL B 99 14.11 10.37 42.05
N PHE B 100 14.77 10.76 40.95
CA PHE B 100 15.61 9.83 40.22
C PHE B 100 16.82 9.44 41.05
N ARG B 101 17.50 10.42 41.63
CA ARG B 101 18.69 10.13 42.41
C ARG B 101 18.36 9.45 43.74
N ALA B 102 17.18 9.73 44.27
CA ALA B 102 16.75 9.11 45.53
C ALA B 102 16.55 7.61 45.30
N HIS B 103 16.31 7.24 44.04
CA HIS B 103 16.08 5.85 43.67
C HIS B 103 17.21 5.24 42.85
N ASP B 104 18.36 5.91 42.83
CA ASP B 104 19.50 5.40 42.06
C ASP B 104 19.20 5.24 40.58
N ILE B 105 18.56 6.24 39.99
CA ILE B 105 18.23 6.16 38.58
C ILE B 105 19.21 6.97 37.75
N GLY B 106 20.00 6.27 36.95
CA GLY B 106 20.97 6.93 36.10
C GLY B 106 20.57 6.88 34.64
N TYR B 107 19.53 6.11 34.35
CA TYR B 107 19.04 5.99 32.99
C TYR B 107 17.60 6.46 32.88
N PHE B 108 17.33 7.29 31.88
CA PHE B 108 16.00 7.81 31.65
C PHE B 108 15.57 7.54 30.22
N PHE B 109 14.66 6.58 30.06
CA PHE B 109 14.16 6.22 28.73
C PHE B 109 12.76 6.76 28.54
N TYR B 110 12.66 7.88 27.83
CA TYR B 110 11.38 8.52 27.60
C TYR B 110 10.83 8.16 26.21
N ASN B 111 9.70 7.47 26.21
CA ASN B 111 9.05 6.99 25.00
C ASN B 111 7.83 7.82 24.59
N GLY B 112 8.04 8.83 23.74
CA GLY B 112 6.93 9.69 23.31
C GLY B 112 7.12 10.50 22.02
N GLY B 113 6.23 11.47 21.81
CA GLY B 113 6.31 12.30 20.63
C GLY B 113 7.37 13.37 20.77
N GLY B 114 7.25 14.43 19.97
CA GLY B 114 8.23 15.51 20.01
C GLY B 114 8.47 16.12 21.39
N ASP B 115 7.40 16.62 22.03
CA ASP B 115 7.54 17.23 23.34
C ASP B 115 8.39 16.37 24.26
N SER B 116 8.06 15.09 24.35
CA SER B 116 8.80 14.16 25.20
C SER B 116 10.30 14.25 24.95
N GLN B 117 10.70 14.08 23.69
CA GLN B 117 12.10 14.14 23.30
C GLN B 117 12.79 15.38 23.84
N ASP B 118 12.16 16.54 23.64
CA ASP B 118 12.72 17.79 24.11
C ASP B 118 12.90 17.79 25.62
N THR B 119 11.86 17.45 26.36
CA THR B 119 11.95 17.42 27.82
C THR B 119 12.97 16.39 28.29
N ALA B 120 13.16 15.32 27.52
CA ALA B 120 14.14 14.30 27.89
C ALA B 120 15.50 14.98 27.89
N TYR B 121 15.74 15.77 26.83
CA TYR B 121 16.99 16.50 26.65
C TYR B 121 17.28 17.46 27.79
N LYS B 122 16.28 18.28 28.11
CA LYS B 122 16.43 19.24 29.19
C LYS B 122 16.79 18.54 30.51
N VAL B 123 16.13 17.43 30.82
CA VAL B 123 16.43 16.69 32.04
C VAL B 123 17.92 16.40 32.04
N SER B 124 18.41 16.00 30.87
CA SER B 124 19.82 15.69 30.69
C SER B 124 20.69 16.90 31.05
N GLN B 125 20.27 18.08 30.60
CA GLN B 125 21.00 19.32 30.87
C GLN B 125 21.01 19.66 32.33
N LEU B 126 19.85 19.63 32.96
CA LEU B 126 19.73 19.95 34.37
C LEU B 126 20.51 18.94 35.20
N ALA B 127 20.37 17.65 34.85
CA ALA B 127 21.07 16.60 35.58
C ALA B 127 22.55 16.94 35.73
N ASP B 128 23.18 17.36 34.64
CA ASP B 128 24.59 17.73 34.66
C ASP B 128 24.81 18.95 35.56
N ARG B 129 24.09 20.01 35.22
CA ARG B 129 24.14 21.25 35.96
C ARG B 129 24.08 21.01 37.47
N MET B 130 23.15 20.15 37.90
CA MET B 130 22.97 19.80 39.31
C MET B 130 24.01 18.81 39.82
N GLY B 131 24.94 18.42 38.98
CA GLY B 131 25.95 17.47 39.41
C GLY B 131 25.42 16.06 39.52
N TYR B 132 24.40 15.75 38.72
CA TYR B 132 23.81 14.41 38.72
C TYR B 132 23.54 13.88 37.35
N PRO B 133 24.60 13.58 36.59
CA PRO B 133 24.40 13.05 35.25
C PRO B 133 23.43 11.87 35.24
N ILE B 134 22.57 11.87 34.23
CA ILE B 134 21.59 10.82 34.02
C ILE B 134 21.52 10.71 32.51
N THR B 135 21.93 9.56 31.98
CA THR B 135 21.89 9.38 30.54
C THR B 135 20.43 9.22 30.11
N CYS B 136 19.99 10.13 29.24
CA CYS B 136 18.62 10.13 28.76
C CYS B 136 18.54 9.83 27.26
N ILE B 137 17.85 8.74 26.92
CA ILE B 137 17.68 8.38 25.53
C ILE B 137 16.18 8.32 25.27
N GLY B 138 15.72 9.08 24.29
CA GLY B 138 14.31 9.08 23.98
C GLY B 138 13.97 8.00 22.96
N VAL B 139 12.79 7.37 23.11
CA VAL B 139 12.34 6.32 22.18
C VAL B 139 11.17 6.91 21.41
N PRO B 140 11.30 7.03 20.07
CA PRO B 140 10.27 7.57 19.19
C PRO B 140 8.90 6.90 19.31
N LYS B 141 7.85 7.70 19.19
CA LYS B 141 6.47 7.20 19.33
C LYS B 141 5.47 8.21 18.78
N THR B 142 4.82 7.89 17.66
CA THR B 142 3.82 8.79 17.09
C THR B 142 2.97 8.20 16.00
N VAL B 143 1.68 8.19 16.24
CA VAL B 143 0.73 7.66 15.30
C VAL B 143 0.57 8.65 14.15
N ASP B 144 0.97 9.90 14.40
CA ASP B 144 0.89 10.97 13.40
C ASP B 144 2.09 10.97 12.47
N ASN B 145 3.09 10.18 12.80
CA ASN B 145 4.27 10.04 11.96
C ASN B 145 4.93 11.39 11.61
N ASP B 146 4.94 12.33 12.55
CA ASP B 146 5.52 13.63 12.27
C ASP B 146 6.80 13.96 13.02
N LEU B 147 7.53 12.93 13.46
CA LEU B 147 8.79 13.16 14.15
C LEU B 147 9.86 13.26 13.07
N PRO B 148 10.89 14.09 13.29
CA PRO B 148 11.96 14.24 12.30
C PRO B 148 13.12 13.27 12.49
N PHE B 149 14.00 13.23 11.49
CA PHE B 149 15.20 12.38 11.52
C PHE B 149 14.92 10.89 11.63
N THR B 150 13.80 10.46 11.07
CA THR B 150 13.43 9.04 11.11
C THR B 150 12.53 8.71 9.93
N ASP B 151 12.59 7.47 9.45
CA ASP B 151 11.78 7.04 8.31
C ASP B 151 10.29 7.07 8.61
N CYS B 152 9.93 6.54 9.77
CA CYS B 152 8.55 6.47 10.19
C CYS B 152 8.56 6.42 11.71
N CYS B 153 7.42 6.69 12.34
CA CYS B 153 7.39 6.64 13.79
C CYS B 153 6.62 5.43 14.29
N PRO B 154 7.22 4.67 15.22
CA PRO B 154 6.65 3.47 15.82
C PRO B 154 5.19 3.65 16.23
N GLY B 155 4.31 2.92 15.55
CA GLY B 155 2.89 2.99 15.82
C GLY B 155 2.07 3.33 14.58
N PHE B 156 2.58 4.22 13.73
CA PHE B 156 1.88 4.64 12.51
C PHE B 156 1.62 3.51 11.53
N GLY B 157 2.64 2.69 11.26
CA GLY B 157 2.44 1.59 10.35
C GLY B 157 1.22 0.76 10.72
N SER B 158 0.94 0.63 12.01
CA SER B 158 -0.19 -0.14 12.46
C SER B 158 -1.52 0.50 12.10
N VAL B 159 -1.71 1.78 12.39
CA VAL B 159 -2.98 2.39 12.03
C VAL B 159 -3.08 2.40 10.52
N ALA B 160 -1.93 2.55 9.84
CA ALA B 160 -1.92 2.56 8.39
C ALA B 160 -2.50 1.27 7.87
N LYS B 161 -2.00 0.17 8.42
CA LYS B 161 -2.45 -1.15 8.02
C LYS B 161 -3.94 -1.25 8.35
N TYR B 162 -4.31 -0.83 9.55
CA TYR B 162 -5.72 -0.87 9.97
C TYR B 162 -6.61 -0.06 9.03
N ILE B 163 -6.23 1.20 8.78
CA ILE B 163 -7.02 2.04 7.89
C ILE B 163 -7.12 1.46 6.47
N ALA B 164 -6.02 0.96 5.93
CA ALA B 164 -6.06 0.40 4.59
C ALA B 164 -6.96 -0.83 4.57
N THR B 165 -6.79 -1.72 5.55
CA THR B 165 -7.60 -2.92 5.63
C THR B 165 -9.07 -2.56 5.78
N SER B 166 -9.37 -1.68 6.73
CA SER B 166 -10.75 -1.25 6.96
C SER B 166 -11.38 -0.62 5.73
N THR B 167 -10.61 0.15 4.96
CA THR B 167 -11.12 0.80 3.75
C THR B 167 -11.41 -0.25 2.68
N LEU B 168 -10.51 -1.24 2.57
CA LEU B 168 -10.67 -2.31 1.61
C LEU B 168 -11.91 -3.13 1.92
N GLU B 169 -12.06 -3.48 3.19
CA GLU B 169 -13.19 -4.28 3.59
C GLU B 169 -14.52 -3.54 3.41
N ALA B 170 -14.61 -2.31 3.90
CA ALA B 170 -15.86 -1.56 3.75
C ALA B 170 -16.16 -1.34 2.28
N SER B 171 -15.14 -1.16 1.46
CA SER B 171 -15.35 -0.93 0.03
C SER B 171 -16.01 -2.15 -0.59
N LEU B 172 -15.47 -3.35 -0.33
CA LEU B 172 -16.05 -4.56 -0.89
C LEU B 172 -17.52 -4.67 -0.51
N ASP B 173 -17.85 -4.17 0.68
CA ASP B 173 -19.23 -4.20 1.15
C ASP B 173 -20.11 -3.30 0.30
N ILE B 174 -19.79 -1.99 0.30
CA ILE B 174 -20.55 -1.01 -0.47
C ILE B 174 -20.72 -1.47 -1.92
N LYS B 175 -19.61 -1.90 -2.53
CA LYS B 175 -19.60 -2.35 -3.92
C LYS B 175 -20.64 -3.44 -4.16
N SER B 176 -20.84 -4.27 -3.14
CA SER B 176 -21.78 -5.38 -3.22
C SER B 176 -23.24 -4.96 -3.43
N MET B 177 -23.61 -3.79 -2.92
CA MET B 177 -25.01 -3.39 -3.04
C MET B 177 -25.24 -1.94 -3.46
N CYS B 178 -24.24 -1.32 -4.06
CA CYS B 178 -24.37 0.07 -4.47
C CYS B 178 -25.43 0.30 -5.54
N GLU B 179 -25.97 -0.76 -6.12
CA GLU B 179 -27.00 -0.59 -7.14
C GLU B 179 -28.37 -0.37 -6.54
N THR B 180 -28.58 -0.96 -5.38
CA THR B 180 -29.85 -0.89 -4.68
C THR B 180 -29.79 0.05 -3.48
N SER B 181 -28.78 -0.16 -2.63
CA SER B 181 -28.62 0.61 -1.40
C SER B 181 -27.60 1.73 -1.50
N THR B 182 -26.99 2.04 -0.35
CA THR B 182 -26.00 3.10 -0.22
C THR B 182 -24.94 3.13 -1.32
N LYS B 183 -24.62 4.32 -1.81
CA LYS B 183 -23.61 4.44 -2.85
C LYS B 183 -22.44 5.37 -2.51
N VAL B 184 -22.46 5.92 -1.31
CA VAL B 184 -21.38 6.78 -0.85
C VAL B 184 -21.02 6.45 0.59
N PHE B 185 -19.80 5.96 0.81
CA PHE B 185 -19.38 5.63 2.16
C PHE B 185 -18.21 6.50 2.61
N ILE B 186 -18.36 7.11 3.78
CA ILE B 186 -17.33 7.98 4.33
C ILE B 186 -16.74 7.39 5.59
N LEU B 187 -15.42 7.35 5.66
CA LEU B 187 -14.71 6.81 6.81
C LEU B 187 -13.77 7.87 7.37
N GLU B 188 -14.14 8.44 8.50
CA GLU B 188 -13.34 9.47 9.16
C GLU B 188 -12.19 8.85 9.96
N VAL B 189 -10.97 9.28 9.67
CA VAL B 189 -9.80 8.78 10.34
C VAL B 189 -9.06 9.89 11.11
N MET B 190 -8.10 9.50 11.94
CA MET B 190 -7.32 10.46 12.72
C MET B 190 -6.37 11.25 11.82
N GLY B 191 -5.81 12.33 12.37
CA GLY B 191 -4.89 13.15 11.63
C GLY B 191 -5.37 14.59 11.55
N ARG B 192 -4.99 15.40 12.53
CA ARG B 192 -5.41 16.80 12.56
C ARG B 192 -4.62 17.76 11.67
N HIS B 193 -3.30 17.68 11.66
CA HIS B 193 -2.52 18.60 10.85
C HIS B 193 -1.75 17.86 9.77
N ALA B 194 -1.63 16.54 9.95
CA ALA B 194 -0.93 15.68 9.00
C ALA B 194 -1.92 14.72 8.34
N GLY B 195 -1.63 14.34 7.10
CA GLY B 195 -2.52 13.43 6.38
C GLY B 195 -1.93 12.05 6.15
N TRP B 196 -0.89 11.71 6.90
CA TRP B 196 -0.24 10.41 6.75
C TRP B 196 -1.21 9.26 6.97
N ILE B 197 -2.08 9.38 7.97
CA ILE B 197 -3.05 8.32 8.26
C ILE B 197 -4.05 8.20 7.12
N ALA B 198 -4.65 9.32 6.72
CA ALA B 198 -5.61 9.31 5.62
C ALA B 198 -4.95 8.73 4.36
N ALA B 199 -3.68 9.06 4.15
CA ALA B 199 -2.94 8.57 2.99
C ALA B 199 -2.91 7.05 2.98
N ALA B 200 -2.78 6.44 4.16
CA ALA B 200 -2.72 4.99 4.22
C ALA B 200 -3.96 4.36 3.58
N GLY B 201 -5.07 5.09 3.59
CA GLY B 201 -6.30 4.58 3.01
C GLY B 201 -6.16 4.27 1.53
N GLY B 202 -5.31 5.03 0.84
CA GLY B 202 -5.11 4.80 -0.57
C GLY B 202 -4.49 3.47 -0.91
N LEU B 203 -3.84 2.82 0.06
CA LEU B 203 -3.20 1.54 -0.18
C LEU B 203 -4.19 0.43 -0.48
N ALA B 204 -5.47 0.73 -0.30
CA ALA B 204 -6.54 -0.23 -0.54
C ALA B 204 -6.76 -0.49 -2.03
N GLY B 205 -6.71 0.58 -2.81
CA GLY B 205 -6.89 0.47 -4.25
C GLY B 205 -5.63 0.96 -4.94
N GLN B 206 -5.27 0.32 -6.05
CA GLN B 206 -4.07 0.71 -6.76
C GLN B 206 -4.23 1.42 -8.09
N SER B 207 -5.38 1.27 -8.73
CA SER B 207 -5.63 1.93 -10.00
C SER B 207 -6.67 3.02 -9.84
N GLU B 208 -7.20 3.51 -10.95
CA GLU B 208 -8.21 4.57 -10.90
C GLU B 208 -9.57 3.90 -11.06
N GLY B 209 -10.54 4.31 -10.25
CA GLY B 209 -11.85 3.72 -10.32
C GLY B 209 -12.08 2.82 -9.12
N GLU B 210 -11.01 2.33 -8.53
CA GLU B 210 -11.13 1.49 -7.35
C GLU B 210 -10.80 2.28 -6.09
N PRO B 211 -11.50 2.00 -4.99
CA PRO B 211 -11.40 2.60 -3.64
C PRO B 211 -10.01 2.73 -3.04
N PRO B 212 -9.76 3.84 -2.32
CA PRO B 212 -10.70 4.94 -2.06
C PRO B 212 -10.70 5.95 -3.20
N HIS B 213 -11.88 6.40 -3.59
CA HIS B 213 -12.03 7.36 -4.70
C HIS B 213 -11.64 8.77 -4.29
N VAL B 214 -11.81 9.06 -3.01
CA VAL B 214 -11.47 10.38 -2.48
C VAL B 214 -10.80 10.30 -1.12
N ILE B 215 -9.67 10.98 -0.98
CA ILE B 215 -8.97 11.02 0.29
C ILE B 215 -8.84 12.50 0.66
N LEU B 216 -9.45 12.89 1.76
CA LEU B 216 -9.37 14.28 2.21
C LEU B 216 -8.17 14.45 3.12
N PHE B 217 -7.18 15.19 2.63
CA PHE B 217 -5.94 15.47 3.35
C PHE B 217 -6.03 16.84 4.01
N PRO B 218 -5.47 16.99 5.23
CA PRO B 218 -5.56 18.31 5.83
C PRO B 218 -4.58 19.26 5.14
N GLU B 219 -3.67 18.70 4.37
CA GLU B 219 -2.67 19.50 3.65
C GLU B 219 -3.27 20.19 2.44
N ILE B 220 -4.41 19.68 1.98
CA ILE B 220 -5.11 20.25 0.83
C ILE B 220 -6.40 20.93 1.26
N PRO B 221 -6.55 22.23 0.96
CA PRO B 221 -7.79 22.92 1.37
C PRO B 221 -9.02 22.26 0.73
N PHE B 222 -10.07 22.13 1.53
CA PHE B 222 -11.31 21.50 1.07
C PHE B 222 -12.09 22.34 0.08
N ASN B 223 -12.14 21.89 -1.17
CA ASN B 223 -12.89 22.59 -2.20
C ASN B 223 -14.21 21.85 -2.40
N ARG B 224 -15.23 22.25 -1.64
CA ARG B 224 -16.54 21.62 -1.71
C ARG B 224 -17.07 21.27 -3.11
N GLU B 225 -17.02 22.23 -4.03
CA GLU B 225 -17.49 22.00 -5.39
C GLU B 225 -16.69 20.89 -6.08
N LYS B 226 -15.37 20.91 -5.90
CA LYS B 226 -14.51 19.89 -6.52
C LYS B 226 -14.81 18.52 -5.90
N PHE B 227 -15.09 18.52 -4.60
CA PHE B 227 -15.39 17.29 -3.88
C PHE B 227 -16.71 16.71 -4.37
N LEU B 228 -17.77 17.48 -4.18
CA LEU B 228 -19.10 17.07 -4.59
C LEU B 228 -19.17 16.55 -6.01
N GLU B 229 -18.36 17.09 -6.91
CA GLU B 229 -18.44 16.64 -8.29
C GLU B 229 -17.59 15.41 -8.56
N ARG B 230 -16.56 15.20 -7.75
CA ARG B 230 -15.70 14.03 -7.92
C ARG B 230 -16.46 12.81 -7.43
N VAL B 231 -17.14 12.97 -6.29
CA VAL B 231 -17.93 11.88 -5.73
C VAL B 231 -19.05 11.55 -6.70
N ASP B 232 -19.86 12.56 -7.05
CA ASP B 232 -20.97 12.35 -7.98
C ASP B 232 -20.46 11.67 -9.25
N GLN B 233 -19.32 12.13 -9.73
CA GLN B 233 -18.74 11.55 -10.93
C GLN B 233 -18.43 10.08 -10.69
N CYS B 234 -18.01 9.75 -9.47
CA CYS B 234 -17.67 8.36 -9.14
C CYS B 234 -18.86 7.42 -9.03
N VAL B 235 -19.92 7.84 -8.34
CA VAL B 235 -21.08 6.98 -8.17
C VAL B 235 -21.72 6.59 -9.50
N ARG B 236 -21.65 7.47 -10.48
CA ARG B 236 -22.26 7.19 -11.78
C ARG B 236 -21.22 6.80 -12.83
N ASP B 237 -20.11 6.24 -12.38
CA ASP B 237 -19.03 5.81 -13.26
C ASP B 237 -18.56 4.46 -12.76
N TYR B 238 -18.52 4.32 -11.44
CA TYR B 238 -18.07 3.09 -10.81
C TYR B 238 -19.20 2.48 -9.99
N GLY B 239 -20.31 3.20 -9.89
CA GLY B 239 -21.45 2.68 -9.15
C GLY B 239 -21.55 3.14 -7.71
N TYR B 240 -20.44 3.61 -7.16
CA TYR B 240 -20.40 4.07 -5.78
C TYR B 240 -19.15 4.89 -5.54
N CYS B 241 -18.98 5.37 -4.31
CA CYS B 241 -17.81 6.17 -3.98
C CYS B 241 -17.50 6.13 -2.49
N VAL B 242 -16.26 5.80 -2.15
CA VAL B 242 -15.85 5.74 -0.75
C VAL B 242 -14.79 6.79 -0.47
N VAL B 243 -15.04 7.64 0.52
CA VAL B 243 -14.08 8.66 0.85
C VAL B 243 -13.51 8.46 2.25
N VAL B 244 -12.21 8.62 2.36
CA VAL B 244 -11.52 8.49 3.63
C VAL B 244 -11.10 9.91 3.99
N ALA B 245 -11.77 10.49 4.96
CA ALA B 245 -11.50 11.86 5.39
C ALA B 245 -10.86 11.95 6.78
N SER B 246 -9.77 12.71 6.88
CA SER B 246 -9.13 12.85 8.17
C SER B 246 -9.88 13.94 8.95
N GLU B 247 -9.91 13.82 10.26
CA GLU B 247 -10.60 14.78 11.10
C GLU B 247 -10.07 16.18 10.86
N GLY B 248 -8.90 16.27 10.23
CA GLY B 248 -8.29 17.56 9.97
C GLY B 248 -8.69 18.25 8.68
N ALA B 249 -9.79 17.82 8.07
CA ALA B 249 -10.26 18.44 6.85
C ALA B 249 -10.54 19.90 7.15
N GLN B 250 -9.85 20.79 6.44
CA GLN B 250 -10.00 22.22 6.67
C GLN B 250 -9.91 23.02 5.37
N TYR B 251 -10.18 24.32 5.48
CA TYR B 251 -10.11 25.21 4.33
C TYR B 251 -8.82 26.01 4.39
N GLU B 252 -8.90 27.26 4.86
CA GLU B 252 -7.72 28.13 4.96
C GLU B 252 -7.87 29.08 6.14
N ARG B 255 -12.25 23.91 9.33
CA ARG B 255 -12.57 22.53 9.70
C ARG B 255 -13.83 22.01 8.99
N PHE B 256 -14.20 20.77 9.27
CA PHE B 256 -15.39 20.18 8.65
C PHE B 256 -15.26 20.17 7.14
N GLY B 273 -19.59 15.81 13.33
CA GLY B 273 -18.18 15.66 12.99
C GLY B 273 -17.94 15.78 11.49
N VAL B 274 -16.71 15.49 11.08
CA VAL B 274 -16.36 15.55 9.74
C VAL B 274 -17.10 14.59 8.86
N ALA B 275 -17.39 13.43 9.32
CA ALA B 275 -18.04 12.56 8.52
C ALA B 275 -19.43 12.82 8.26
N PRO B 276 -20.28 12.96 9.19
CA PRO B 276 -21.58 13.35 9.00
C PRO B 276 -21.77 14.52 8.17
N ALA B 277 -20.79 15.27 8.05
CA ALA B 277 -20.79 16.53 7.44
C ALA B 277 -20.49 16.57 6.11
N LEU B 278 -19.62 15.80 5.77
CA LEU B 278 -19.46 15.49 4.35
C LEU B 278 -20.69 14.76 3.83
N ALA B 279 -21.19 13.81 4.63
CA ALA B 279 -22.35 13.01 4.25
C ALA B 279 -23.54 13.92 3.92
N ASN B 280 -23.79 14.89 4.78
CA ASN B 280 -24.89 15.81 4.56
C ASN B 280 -24.69 16.55 3.25
N MET B 281 -23.46 16.93 2.98
CA MET B 281 -23.14 17.64 1.74
C MET B 281 -23.62 16.84 0.54
N VAL B 282 -23.16 15.60 0.42
CA VAL B 282 -23.55 14.78 -0.72
C VAL B 282 -25.06 14.54 -0.77
N LYS B 283 -25.71 14.41 0.38
CA LYS B 283 -27.15 14.16 0.40
C LYS B 283 -27.92 15.35 -0.17
N GLN B 284 -27.81 16.50 0.49
CA GLN B 284 -28.51 17.68 0.04
C GLN B 284 -28.11 18.16 -1.36
N ALA B 285 -26.92 17.77 -1.80
CA ALA B 285 -26.44 18.21 -3.11
C ALA B 285 -26.50 17.17 -4.23
N LEU B 286 -26.37 15.88 -3.90
CA LEU B 286 -26.39 14.85 -4.92
C LEU B 286 -27.52 13.84 -4.71
N GLY B 287 -28.10 13.87 -3.53
CA GLY B 287 -29.19 12.96 -3.21
C GLY B 287 -28.82 11.49 -3.06
N HIS B 288 -27.54 11.17 -3.07
CA HIS B 288 -27.14 9.77 -2.93
C HIS B 288 -27.25 9.24 -1.51
N LYS B 289 -27.63 7.97 -1.38
CA LYS B 289 -27.76 7.34 -0.08
C LYS B 289 -26.33 7.21 0.43
N TYR B 290 -26.10 7.65 1.66
CA TYR B 290 -24.76 7.59 2.23
C TYR B 290 -24.65 6.71 3.49
N HIS B 291 -23.40 6.55 3.92
CA HIS B 291 -23.04 5.77 5.11
C HIS B 291 -21.66 6.20 5.52
N TRP B 292 -21.50 6.46 6.82
CA TRP B 292 -20.23 6.91 7.36
C TRP B 292 -19.91 6.18 8.66
N ALA B 293 -18.63 6.16 9.03
CA ALA B 293 -18.19 5.52 10.27
C ALA B 293 -17.00 6.30 10.80
N VAL B 294 -16.96 6.48 12.12
CA VAL B 294 -15.86 7.21 12.76
C VAL B 294 -15.10 6.22 13.62
N ALA B 295 -13.94 5.80 13.12
CA ALA B 295 -13.10 4.84 13.80
C ALA B 295 -12.67 5.29 15.17
N ASP B 296 -12.14 6.51 15.24
CA ASP B 296 -11.66 7.04 16.49
C ASP B 296 -10.55 6.15 17.10
N TYR B 297 -10.57 5.95 18.41
CA TYR B 297 -9.54 5.15 19.07
C TYR B 297 -9.35 3.73 18.53
N LEU B 298 -10.36 3.18 17.89
CA LEU B 298 -10.24 1.84 17.36
C LEU B 298 -9.05 1.71 16.41
N GLN B 299 -8.70 2.80 15.73
CA GLN B 299 -7.60 2.79 14.78
C GLN B 299 -6.23 2.82 15.42
N ARG B 300 -6.14 3.37 16.63
CA ARG B 300 -4.86 3.43 17.34
C ARG B 300 -4.67 2.31 18.36
N ALA B 301 -5.63 1.40 18.45
CA ALA B 301 -5.52 0.32 19.42
C ALA B 301 -5.76 -1.03 18.77
N ALA B 302 -5.86 -1.01 17.45
CA ALA B 302 -6.13 -2.19 16.63
C ALA B 302 -4.93 -3.13 16.55
N ARG B 303 -4.54 -3.69 17.69
CA ARG B 303 -3.38 -4.57 17.72
C ARG B 303 -3.61 -5.87 16.99
N HIS B 304 -4.88 -6.23 16.81
CA HIS B 304 -5.17 -7.48 16.12
C HIS B 304 -4.74 -7.45 14.65
N ILE B 305 -4.56 -6.25 14.07
CA ILE B 305 -4.05 -6.14 12.69
C ILE B 305 -2.94 -5.12 12.63
N ALA B 306 -1.94 -5.29 13.48
CA ALA B 306 -0.79 -4.40 13.55
C ALA B 306 0.30 -4.79 12.52
N SER B 307 0.95 -3.78 11.95
CA SER B 307 1.99 -4.00 10.96
C SER B 307 3.15 -4.74 11.56
N ALA B 308 3.51 -5.87 10.96
CA ALA B 308 4.62 -6.64 11.48
C ALA B 308 5.84 -5.76 11.54
N THR B 309 6.19 -5.13 10.42
CA THR B 309 7.35 -4.26 10.38
C THR B 309 7.18 -3.07 11.31
N ASP B 310 6.05 -3.00 11.99
CA ASP B 310 5.79 -1.90 12.91
C ASP B 310 6.05 -2.34 14.36
N VAL B 311 5.50 -3.48 14.77
CA VAL B 311 5.73 -3.94 16.15
C VAL B 311 7.17 -4.37 16.24
N GLU B 312 7.78 -4.53 15.07
CA GLU B 312 9.16 -4.93 14.98
C GLU B 312 10.05 -3.70 15.13
N GLN B 313 9.78 -2.65 14.37
CA GLN B 313 10.57 -1.44 14.47
C GLN B 313 10.35 -0.79 15.84
N ALA B 314 9.15 -0.94 16.39
CA ALA B 314 8.83 -0.37 17.70
C ALA B 314 9.71 -1.03 18.75
N TYR B 315 9.75 -2.35 18.75
CA TYR B 315 10.59 -3.08 19.70
C TYR B 315 12.03 -2.64 19.46
N ALA B 316 12.40 -2.60 18.19
CA ALA B 316 13.74 -2.19 17.82
C ALA B 316 14.13 -0.88 18.51
N VAL B 317 13.53 0.24 18.11
CA VAL B 317 13.87 1.56 18.70
C VAL B 317 14.08 1.53 20.21
N GLY B 318 13.35 0.66 20.90
CA GLY B 318 13.48 0.55 22.33
C GLY B 318 14.85 0.02 22.69
N LYS B 319 15.21 -1.13 22.08
CA LYS B 319 16.49 -1.79 22.29
C LYS B 319 17.69 -0.86 21.99
N ALA B 320 17.74 -0.36 20.77
CA ALA B 320 18.81 0.54 20.34
C ALA B 320 19.06 1.70 21.33
N ALA B 321 18.02 2.01 22.13
CA ALA B 321 18.08 3.10 23.10
C ALA B 321 18.76 2.68 24.41
N VAL B 322 18.55 1.43 24.83
CA VAL B 322 19.21 0.95 26.04
C VAL B 322 20.66 0.74 25.60
N GLU B 323 20.79 0.28 24.37
CA GLU B 323 22.06 0.02 23.72
C GLU B 323 22.83 1.34 23.70
N MET B 324 22.25 2.35 23.05
CA MET B 324 22.87 3.67 22.98
C MET B 324 23.29 4.14 24.38
N ALA B 325 22.47 3.81 25.37
CA ALA B 325 22.70 4.17 26.77
C ALA B 325 23.98 3.50 27.27
N LEU B 326 23.99 2.17 27.26
CA LEU B 326 25.16 1.39 27.68
C LEU B 326 26.42 1.80 26.91
N ALA B 327 26.21 2.40 25.74
CA ALA B 327 27.30 2.87 24.87
C ALA B 327 27.89 4.16 25.42
N GLY B 328 27.27 4.68 26.47
CA GLY B 328 27.75 5.92 27.06
C GLY B 328 27.26 7.11 26.27
N LYS B 329 26.36 6.88 25.33
CA LYS B 329 25.83 7.96 24.53
C LYS B 329 24.81 8.74 25.35
N GLN B 330 24.62 10.00 24.99
CA GLN B 330 23.73 10.88 25.71
C GLN B 330 22.86 11.73 24.79
N ALA B 331 21.73 12.17 25.32
CA ALA B 331 20.75 13.03 24.63
C ALA B 331 20.36 12.59 23.21
N LEU B 332 20.22 11.28 23.01
CA LEU B 332 19.86 10.73 21.70
C LEU B 332 18.51 10.00 21.63
N MET B 333 17.90 10.05 20.45
CA MET B 333 16.64 9.36 20.14
C MET B 333 16.95 8.35 19.04
N PRO B 334 16.75 7.04 19.30
CA PRO B 334 17.05 6.12 18.20
C PRO B 334 16.04 6.46 17.12
N THR B 335 16.35 6.11 15.88
CA THR B 335 15.45 6.40 14.77
C THR B 335 15.32 5.18 13.88
N ILE B 336 14.59 5.36 12.78
CA ILE B 336 14.40 4.31 11.80
C ILE B 336 14.98 4.90 10.51
N VAL B 337 15.96 4.22 9.93
CA VAL B 337 16.56 4.72 8.71
C VAL B 337 16.27 3.81 7.53
N ARG B 338 15.91 4.42 6.41
CA ARG B 338 15.59 3.68 5.20
C ARG B 338 16.87 3.46 4.39
N ASP B 339 17.38 2.23 4.39
CA ASP B 339 18.61 1.87 3.67
C ASP B 339 18.38 1.55 2.19
N GLN B 340 17.24 0.95 1.89
CA GLN B 340 16.90 0.55 0.54
C GLN B 340 15.39 0.67 0.31
N ALA B 341 15.02 1.50 -0.66
CA ALA B 341 13.63 1.72 -1.01
C ALA B 341 13.03 0.41 -1.54
N LYS B 342 13.77 -0.25 -2.44
CA LYS B 342 13.36 -1.53 -3.02
C LYS B 342 13.28 -2.53 -1.85
N PRO B 343 12.77 -3.77 -2.10
CA PRO B 343 12.64 -4.76 -1.02
C PRO B 343 12.93 -4.23 0.38
N TYR B 344 12.20 -3.19 0.75
CA TYR B 344 12.33 -2.49 2.04
C TYR B 344 13.39 -2.94 3.00
N ARG B 345 14.29 -2.01 3.33
CA ARG B 345 15.38 -2.27 4.26
C ARG B 345 15.47 -1.13 5.26
N TRP B 346 15.47 -1.47 6.55
CA TRP B 346 15.57 -0.44 7.59
C TRP B 346 16.48 -0.88 8.72
N SER B 347 17.02 0.11 9.43
CA SER B 347 17.89 -0.11 10.58
C SER B 347 17.68 1.09 11.48
N ILE B 348 18.22 1.03 12.70
CA ILE B 348 18.07 2.13 13.65
C ILE B 348 19.12 3.22 13.49
N GLY B 349 18.67 4.47 13.47
CA GLY B 349 19.60 5.59 13.37
C GLY B 349 19.74 6.26 14.74
N GLU B 350 20.31 7.45 14.77
CA GLU B 350 20.46 8.18 16.03
C GLU B 350 20.21 9.66 15.80
N ALA B 351 19.53 10.30 16.74
CA ALA B 351 19.24 11.73 16.62
C ALA B 351 19.53 12.49 17.92
N ASN B 352 19.71 13.79 17.80
CA ASN B 352 20.00 14.64 18.94
C ASN B 352 18.70 15.27 19.46
N LEU B 353 18.24 14.77 20.60
CA LEU B 353 17.03 15.27 21.23
C LEU B 353 16.96 16.80 21.15
N SER B 354 18.10 17.43 21.35
CA SER B 354 18.22 18.88 21.32
C SER B 354 17.52 19.55 20.13
N GLU B 355 17.66 18.96 18.96
CA GLU B 355 17.05 19.53 17.77
C GLU B 355 15.74 18.86 17.32
N VAL B 356 15.44 17.70 17.89
CA VAL B 356 14.20 17.01 17.54
C VAL B 356 13.06 17.97 17.86
N ALA B 357 13.41 18.99 18.64
CA ALA B 357 12.48 20.02 19.06
C ALA B 357 12.56 21.16 18.05
N ASN B 358 11.39 21.65 17.62
CA ASN B 358 11.32 22.74 16.65
C ASN B 358 11.75 22.25 15.26
N GLN B 359 11.08 21.23 14.75
CA GLN B 359 11.38 20.68 13.44
C GLN B 359 10.63 19.39 13.18
N GLU B 360 9.37 19.51 12.78
CA GLU B 360 8.53 18.35 12.50
C GLU B 360 8.70 17.89 11.06
N LYS B 361 8.07 16.75 10.74
CA LYS B 361 8.15 16.20 9.38
C LYS B 361 6.80 16.28 8.69
N LYS B 362 6.60 17.34 7.91
CA LYS B 362 5.35 17.53 7.18
C LYS B 362 5.23 16.52 6.05
N MET B 363 4.01 16.37 5.52
CA MET B 363 3.76 15.43 4.43
C MET B 363 4.08 16.12 3.10
N PRO B 364 5.03 15.55 2.33
CA PRO B 364 5.45 16.09 1.03
C PRO B 364 4.39 16.20 -0.05
N ILE B 365 4.05 17.45 -0.38
CA ILE B 365 3.05 17.76 -1.39
C ILE B 365 3.11 16.90 -2.64
N HIS B 366 4.27 16.32 -2.95
CA HIS B 366 4.37 15.48 -4.13
C HIS B 366 3.82 14.08 -3.87
N TYR B 367 3.11 13.93 -2.75
CA TYR B 367 2.50 12.66 -2.41
C TYR B 367 1.04 12.72 -2.82
N ILE B 368 0.48 13.92 -2.86
CA ILE B 368 -0.91 14.08 -3.22
C ILE B 368 -1.08 14.35 -4.73
N THR B 369 -2.07 13.70 -5.33
CA THR B 369 -2.36 13.88 -6.76
C THR B 369 -2.94 15.27 -7.05
N ASP B 370 -2.87 15.69 -8.31
CA ASP B 370 -3.36 17.01 -8.71
C ASP B 370 -4.85 17.24 -8.45
N ASN B 371 -5.62 16.16 -8.42
CA ASN B 371 -7.06 16.23 -8.14
C ASN B 371 -7.10 16.77 -6.71
N GLY B 372 -6.08 16.39 -5.96
CA GLY B 372 -5.97 16.80 -4.57
C GLY B 372 -6.58 15.75 -3.66
N PHE B 373 -7.27 14.78 -4.27
CA PHE B 373 -7.95 13.74 -3.52
C PHE B 373 -7.27 12.38 -3.67
N GLY B 374 -6.01 12.34 -4.07
CA GLY B 374 -5.40 11.04 -4.23
C GLY B 374 -3.98 10.88 -3.75
N ILE B 375 -3.47 9.68 -3.96
CA ILE B 375 -2.12 9.30 -3.56
C ILE B 375 -1.30 8.99 -4.81
N THR B 376 -0.05 9.44 -4.83
CA THR B 376 0.81 9.19 -5.98
C THR B 376 1.71 8.01 -5.75
N GLN B 377 2.39 7.58 -6.80
CA GLN B 377 3.27 6.43 -6.73
C GLN B 377 4.37 6.61 -5.70
N ASP B 378 4.94 7.81 -5.61
CA ASP B 378 6.00 8.07 -4.65
C ASP B 378 5.50 7.79 -3.24
N CYS B 379 4.29 8.29 -2.96
CA CYS B 379 3.66 8.11 -1.66
C CYS B 379 3.47 6.62 -1.39
N ARG B 380 3.07 5.87 -2.41
CA ARG B 380 2.88 4.43 -2.26
C ARG B 380 4.22 3.81 -1.95
N ASP B 381 5.21 4.27 -2.70
CA ASP B 381 6.59 3.80 -2.56
C ASP B 381 7.05 3.96 -1.11
N TYR B 382 6.53 4.98 -0.44
CA TYR B 382 6.89 5.26 0.96
C TYR B 382 6.10 4.48 2.03
N LEU B 383 4.77 4.42 1.85
CA LEU B 383 3.88 3.76 2.81
C LEU B 383 3.82 2.25 2.72
N GLN B 384 3.62 1.75 1.51
CA GLN B 384 3.47 0.32 1.24
C GLN B 384 4.25 -0.64 2.13
N PRO B 385 5.57 -0.41 2.29
CA PRO B 385 6.35 -1.32 3.14
C PRO B 385 6.14 -1.13 4.64
N LEU B 386 5.53 0.00 5.01
CA LEU B 386 5.30 0.29 6.43
C LEU B 386 4.12 -0.49 7.02
N ILE B 387 3.42 -1.25 6.18
CA ILE B 387 2.28 -2.05 6.63
C ILE B 387 2.44 -3.51 6.20
N ALA B 388 3.68 -3.91 5.92
CA ALA B 388 3.99 -5.27 5.48
C ALA B 388 4.06 -6.31 6.60
N GLY B 389 3.59 -7.51 6.30
CA GLY B 389 3.63 -8.57 7.29
C GLY B 389 2.61 -8.37 8.38
N GLU B 390 2.17 -9.46 9.00
CA GLU B 390 1.20 -9.38 10.08
C GLU B 390 1.91 -9.75 11.37
N SER B 391 1.19 -9.65 12.48
CA SER B 391 1.77 -9.98 13.75
C SER B 391 0.61 -10.24 14.66
N PHE B 392 -0.21 -11.21 14.28
CA PHE B 392 -1.37 -11.57 15.05
C PHE B 392 -0.98 -12.00 16.46
N PRO B 393 -1.50 -11.29 17.47
CA PRO B 393 -1.18 -11.64 18.86
C PRO B 393 -1.91 -12.92 19.19
N PRO B 394 -1.40 -13.69 20.15
CA PRO B 394 -2.14 -14.92 20.47
C PRO B 394 -3.58 -14.63 20.92
N PHE B 395 -4.44 -15.62 20.81
CA PHE B 395 -5.84 -15.48 21.19
C PHE B 395 -6.21 -16.46 22.27
N ASP B 396 -6.98 -16.01 23.25
CA ASP B 396 -7.41 -16.89 24.33
C ASP B 396 -8.91 -16.84 24.41
N ASP B 397 -9.54 -17.73 23.64
CA ASP B 397 -11.00 -17.83 23.62
C ASP B 397 -11.62 -16.78 22.72
N GLY B 398 -11.12 -16.70 21.49
CA GLY B 398 -11.66 -15.76 20.52
C GLY B 398 -11.27 -14.30 20.72
N LEU B 399 -10.62 -14.01 21.84
CA LEU B 399 -10.19 -12.65 22.13
C LEU B 399 -8.67 -12.60 22.19
N PRO B 400 -8.10 -11.43 21.85
CA PRO B 400 -6.65 -11.24 21.88
C PRO B 400 -6.13 -11.28 23.31
N ARG B 401 -4.92 -11.81 23.48
CA ARG B 401 -4.29 -11.92 24.79
C ARG B 401 -3.63 -10.58 25.17
N VAL B 402 -3.92 -10.11 26.38
CA VAL B 402 -3.35 -8.85 26.86
C VAL B 402 -2.39 -9.05 28.01
N ALA B 403 -1.50 -8.09 28.20
CA ALA B 403 -0.56 -8.17 29.30
C ALA B 403 -1.30 -7.82 30.57
N LYS B 404 -1.17 -8.68 31.58
CA LYS B 404 -1.80 -8.48 32.88
C LYS B 404 -0.62 -8.31 33.85
N LEU B 405 -0.27 -7.05 34.12
CA LEU B 405 0.86 -6.73 35.00
C LEU B 405 0.52 -6.44 36.46
N LYS B 406 1.45 -6.72 37.34
CA LYS B 406 1.27 -6.46 38.76
C LYS B 406 1.24 -4.95 39.06
N ASN B 407 2.04 -4.20 38.29
CA ASN B 407 2.14 -2.74 38.46
C ASN B 407 2.29 -2.32 39.90
N GLN B 408 3.28 -2.89 40.59
CA GLN B 408 3.51 -2.57 41.99
C GLN B 408 4.34 -1.31 42.20
N LEU B 409 3.80 -0.40 42.99
CA LEU B 409 4.47 0.85 43.31
C LEU B 409 5.61 0.63 44.30
N VAL B 410 6.69 1.38 44.13
CA VAL B 410 7.82 1.29 45.06
C VAL B 410 7.41 2.17 46.22
N GLU B 411 7.91 1.86 47.41
CA GLU B 411 7.56 2.68 48.55
C GLU B 411 8.29 4.01 48.40
N LYS B 412 7.54 5.10 48.52
CA LYS B 412 8.08 6.45 48.38
C LYS B 412 9.18 6.75 49.39
N LYS B 413 10.18 7.51 48.97
CA LYS B 413 11.30 7.88 49.83
C LYS B 413 11.36 9.38 50.05
N LEU B 414 10.61 10.13 49.24
CA LEU B 414 10.58 11.58 49.33
C LEU B 414 9.44 12.05 50.22
N ARG B 415 9.07 13.32 50.08
CA ARG B 415 7.99 13.90 50.87
C ARG B 415 6.89 14.46 49.97
N THR B 416 6.22 13.57 49.25
CA THR B 416 5.14 13.97 48.34
C THR B 416 5.55 15.17 47.49
N GLU B 417 4.64 15.62 46.64
CA GLU B 417 4.91 16.76 45.76
C GLU B 417 3.75 16.99 44.79
N PHE B 418 3.20 18.20 44.80
CA PHE B 418 2.10 18.54 43.92
C PHE B 418 2.60 19.17 42.62
N GLU B 419 1.82 19.03 41.56
CA GLU B 419 2.19 19.58 40.26
C GLU B 419 1.32 20.78 39.90
N LEU B 420 1.53 21.33 38.71
CA LEU B 420 0.77 22.49 38.26
C LEU B 420 -0.54 22.06 37.59
N ILE C 3 -29.40 -33.88 -14.70
CA ILE C 3 -28.22 -33.03 -14.75
C ILE C 3 -28.58 -31.61 -15.12
N LYS C 4 -29.34 -30.94 -14.25
CA LYS C 4 -29.76 -29.57 -14.49
C LYS C 4 -28.87 -28.59 -13.74
N ASN C 5 -28.79 -27.36 -14.24
CA ASN C 5 -27.97 -26.32 -13.62
C ASN C 5 -28.56 -25.84 -12.30
N ALA C 6 -27.80 -25.03 -11.58
CA ALA C 6 -28.24 -24.50 -10.31
C ALA C 6 -28.10 -22.99 -10.31
N PHE C 7 -28.94 -22.34 -9.50
CA PHE C 7 -28.91 -20.90 -9.37
C PHE C 7 -28.67 -20.50 -7.93
N TYR C 8 -27.63 -19.71 -7.72
CA TYR C 8 -27.28 -19.22 -6.39
C TYR C 8 -27.42 -17.70 -6.36
N ALA C 9 -27.99 -17.17 -5.29
CA ALA C 9 -28.15 -15.72 -5.16
C ALA C 9 -28.07 -15.32 -3.70
N GLN C 10 -27.62 -14.09 -3.47
CA GLN C 10 -27.50 -13.59 -2.11
C GLN C 10 -28.62 -12.60 -1.88
N SER C 11 -28.97 -12.37 -0.62
CA SER C 11 -30.07 -11.48 -0.33
C SER C 11 -29.86 -10.71 0.96
N GLY C 12 -30.28 -9.45 0.94
CA GLY C 12 -30.15 -8.62 2.12
C GLY C 12 -28.75 -8.07 2.24
N GLY C 13 -28.42 -7.61 3.45
CA GLY C 13 -27.11 -7.05 3.71
C GLY C 13 -26.07 -8.13 3.64
N VAL C 14 -24.91 -7.80 3.10
CA VAL C 14 -23.83 -8.76 2.97
C VAL C 14 -23.18 -9.00 4.31
N THR C 15 -22.30 -9.99 4.36
CA THR C 15 -21.63 -10.36 5.59
C THR C 15 -20.15 -10.60 5.32
N ALA C 16 -19.36 -10.69 6.38
CA ALA C 16 -17.94 -10.94 6.22
C ALA C 16 -17.71 -12.37 5.75
N VAL C 17 -18.67 -13.23 6.04
CA VAL C 17 -18.54 -14.65 5.64
C VAL C 17 -19.63 -15.17 4.70
N ILE C 18 -20.53 -14.32 4.24
CA ILE C 18 -21.56 -14.81 3.35
C ILE C 18 -20.93 -15.42 2.10
N ASN C 19 -19.73 -14.96 1.73
CA ASN C 19 -19.05 -15.51 0.56
C ASN C 19 -18.48 -16.90 0.89
N ALA C 20 -18.34 -17.19 2.18
CA ALA C 20 -17.87 -18.49 2.62
C ALA C 20 -18.98 -19.49 2.26
N SER C 21 -20.22 -19.08 2.50
CA SER C 21 -21.36 -19.91 2.18
C SER C 21 -21.35 -20.17 0.67
N ALA C 22 -21.20 -19.10 -0.10
CA ALA C 22 -21.16 -19.18 -1.55
C ALA C 22 -20.08 -20.16 -1.98
N CYS C 23 -18.99 -20.20 -1.23
CA CYS C 23 -17.89 -21.11 -1.52
C CYS C 23 -18.34 -22.55 -1.20
N GLY C 24 -18.96 -22.73 -0.05
CA GLY C 24 -19.42 -24.05 0.36
C GLY C 24 -20.41 -24.61 -0.64
N VAL C 25 -21.25 -23.74 -1.20
CA VAL C 25 -22.24 -24.20 -2.15
C VAL C 25 -21.61 -24.47 -3.50
N ILE C 26 -20.76 -23.56 -3.99
CA ILE C 26 -20.13 -23.75 -5.28
C ILE C 26 -19.15 -24.91 -5.37
N GLN C 27 -18.28 -25.06 -4.37
CA GLN C 27 -17.30 -26.14 -4.40
C GLN C 27 -17.92 -27.53 -4.37
N THR C 28 -18.93 -27.74 -3.52
CA THR C 28 -19.55 -29.05 -3.45
C THR C 28 -20.36 -29.34 -4.71
N ALA C 29 -20.92 -28.30 -5.32
CA ALA C 29 -21.69 -28.51 -6.54
C ALA C 29 -20.76 -29.04 -7.62
N ARG C 30 -19.53 -28.52 -7.64
CA ARG C 30 -18.55 -28.95 -8.63
C ARG C 30 -18.09 -30.39 -8.36
N LYS C 31 -18.38 -30.90 -7.17
CA LYS C 31 -18.00 -32.26 -6.79
C LYS C 31 -19.07 -33.28 -7.18
N HIS C 32 -20.01 -32.87 -8.03
CA HIS C 32 -21.08 -33.76 -8.45
C HIS C 32 -21.52 -33.46 -9.88
N PRO C 33 -20.56 -33.35 -10.81
CA PRO C 33 -20.87 -33.05 -12.22
C PRO C 33 -21.89 -33.97 -12.87
N ASP C 34 -22.19 -35.09 -12.22
CA ASP C 34 -23.15 -36.04 -12.75
C ASP C 34 -24.57 -35.78 -12.22
N GLN C 35 -24.72 -34.74 -11.40
CA GLN C 35 -26.03 -34.40 -10.86
C GLN C 35 -26.35 -32.91 -11.08
N ILE C 36 -25.32 -32.08 -11.05
CA ILE C 36 -25.48 -30.65 -11.22
C ILE C 36 -24.51 -30.14 -12.28
N GLY C 37 -25.02 -29.31 -13.19
CA GLY C 37 -24.20 -28.75 -14.23
C GLY C 37 -23.52 -27.48 -13.76
N LYS C 38 -23.70 -26.40 -14.51
CA LYS C 38 -23.10 -25.13 -14.15
C LYS C 38 -23.86 -24.45 -13.02
N VAL C 39 -23.12 -23.73 -12.17
CA VAL C 39 -23.70 -22.99 -11.06
C VAL C 39 -23.80 -21.52 -11.48
N TYR C 40 -25.01 -21.05 -11.68
CA TYR C 40 -25.21 -19.66 -12.09
C TYR C 40 -25.43 -18.79 -10.86
N ALA C 41 -24.89 -17.58 -10.90
CA ALA C 41 -25.06 -16.66 -9.77
C ALA C 41 -25.86 -15.47 -10.25
N GLY C 42 -26.83 -15.06 -9.44
CA GLY C 42 -27.65 -13.92 -9.78
C GLY C 42 -26.89 -12.64 -9.55
N ARG C 43 -26.71 -11.85 -10.60
CA ARG C 43 -25.98 -10.59 -10.48
C ARG C 43 -26.80 -9.67 -9.61
N ASN C 44 -26.22 -9.27 -8.46
CA ASN C 44 -26.90 -8.38 -7.53
C ASN C 44 -28.16 -9.00 -6.93
N GLY C 45 -28.15 -10.31 -6.67
CA GLY C 45 -29.29 -10.97 -6.07
C GLY C 45 -30.32 -11.48 -7.07
N ILE C 46 -31.56 -11.67 -6.63
CA ILE C 46 -32.62 -12.16 -7.52
C ILE C 46 -32.91 -11.15 -8.62
N ILE C 47 -32.51 -9.90 -8.40
CA ILE C 47 -32.71 -8.89 -9.44
C ILE C 47 -32.05 -9.46 -10.67
N GLY C 48 -30.95 -10.18 -10.44
CA GLY C 48 -30.22 -10.81 -11.52
C GLY C 48 -31.05 -11.80 -12.30
N ALA C 49 -31.80 -12.63 -11.58
CA ALA C 49 -32.67 -13.62 -12.22
C ALA C 49 -33.77 -12.87 -12.95
N LEU C 50 -34.37 -11.91 -12.25
CA LEU C 50 -35.44 -11.10 -12.83
C LEU C 50 -35.04 -10.44 -14.14
N LYS C 51 -33.87 -9.82 -14.17
CA LYS C 51 -33.38 -9.13 -15.35
C LYS C 51 -32.61 -10.06 -16.27
N GLU C 52 -32.55 -11.33 -15.88
CA GLU C 52 -31.84 -12.34 -16.64
C GLU C 52 -30.37 -11.99 -16.81
N GLU C 53 -29.72 -11.59 -15.73
CA GLU C 53 -28.30 -11.30 -15.75
C GLU C 53 -27.71 -12.40 -14.89
N LEU C 54 -27.40 -13.52 -15.54
CA LEU C 54 -26.84 -14.68 -14.86
C LEU C 54 -25.32 -14.78 -14.99
N ILE C 55 -24.64 -14.91 -13.87
CA ILE C 55 -23.20 -15.05 -13.85
C ILE C 55 -22.81 -16.52 -13.95
N ASP C 56 -21.97 -16.85 -14.93
CA ASP C 56 -21.51 -18.20 -15.11
C ASP C 56 -20.29 -18.41 -14.23
N THR C 57 -20.51 -18.97 -13.03
CA THR C 57 -19.40 -19.19 -12.12
C THR C 57 -18.56 -20.39 -12.50
N SER C 58 -18.91 -21.05 -13.59
CA SER C 58 -18.13 -22.21 -14.01
C SER C 58 -16.85 -21.72 -14.69
N LEU C 59 -16.90 -20.51 -15.22
CA LEU C 59 -15.75 -19.90 -15.90
C LEU C 59 -14.72 -19.43 -14.89
N GLU C 60 -15.01 -19.63 -13.61
CA GLU C 60 -14.13 -19.21 -12.55
C GLU C 60 -13.20 -20.34 -12.12
N SER C 61 -11.91 -20.03 -11.98
CA SER C 61 -10.93 -21.02 -11.58
C SER C 61 -11.14 -21.49 -10.15
N ASP C 62 -10.71 -22.72 -9.86
CA ASP C 62 -10.86 -23.29 -8.53
C ASP C 62 -10.27 -22.37 -7.46
N ASP C 63 -9.15 -21.74 -7.80
CA ASP C 63 -8.49 -20.85 -6.87
C ASP C 63 -9.40 -19.69 -6.48
N ALA C 64 -9.91 -18.99 -7.49
CA ALA C 64 -10.80 -17.87 -7.24
C ALA C 64 -11.93 -18.30 -6.32
N ILE C 65 -12.58 -19.40 -6.65
CA ILE C 65 -13.66 -19.91 -5.84
C ILE C 65 -13.19 -20.15 -4.42
N GLN C 66 -11.97 -20.65 -4.28
CA GLN C 66 -11.42 -20.93 -2.96
C GLN C 66 -11.23 -19.64 -2.17
N ALA C 67 -10.92 -18.57 -2.89
CA ALA C 67 -10.69 -17.26 -2.29
C ALA C 67 -11.94 -16.74 -1.60
N LEU C 68 -13.10 -17.13 -2.11
CA LEU C 68 -14.38 -16.71 -1.56
C LEU C 68 -14.54 -16.86 -0.05
N ILE C 69 -13.84 -17.81 0.56
CA ILE C 69 -13.99 -17.99 2.00
C ILE C 69 -13.23 -17.02 2.87
N HIS C 70 -12.39 -16.18 2.27
CA HIS C 70 -11.64 -15.22 3.05
C HIS C 70 -11.82 -13.80 2.51
N THR C 71 -12.93 -13.57 1.83
CA THR C 71 -13.25 -12.27 1.28
C THR C 71 -14.67 -11.86 1.70
N PRO C 72 -14.80 -10.67 2.32
CA PRO C 72 -16.10 -10.16 2.78
C PRO C 72 -17.01 -9.65 1.66
N GLY C 73 -18.20 -9.21 2.05
CA GLY C 73 -19.18 -8.72 1.08
C GLY C 73 -19.83 -9.81 0.25
N GLY C 74 -20.51 -9.40 -0.82
CA GLY C 74 -21.16 -10.35 -1.71
C GLY C 74 -20.40 -10.33 -3.03
N ALA C 75 -19.68 -11.41 -3.32
CA ALA C 75 -18.88 -11.50 -4.55
C ALA C 75 -19.66 -11.31 -5.84
N PHE C 76 -20.94 -11.63 -5.81
CA PHE C 76 -21.79 -11.51 -6.98
C PHE C 76 -22.73 -10.33 -6.84
N GLY C 77 -22.73 -9.73 -5.66
CA GLY C 77 -23.59 -8.61 -5.40
C GLY C 77 -24.84 -9.10 -4.72
N SER C 78 -25.59 -8.19 -4.13
CA SER C 78 -26.83 -8.54 -3.46
C SER C 78 -27.75 -7.34 -3.58
N CYS C 79 -28.95 -7.47 -3.05
CA CYS C 79 -29.90 -6.37 -3.11
C CYS C 79 -30.89 -6.57 -2.00
N ARG C 80 -31.71 -5.57 -1.75
CA ARG C 80 -32.70 -5.68 -0.69
C ARG C 80 -34.12 -5.81 -1.25
N TYR C 81 -34.20 -6.07 -2.54
CA TYR C 81 -35.47 -6.23 -3.26
C TYR C 81 -36.34 -7.34 -2.66
N LYS C 82 -37.62 -7.04 -2.41
CA LYS C 82 -38.56 -8.02 -1.86
C LYS C 82 -39.83 -8.13 -2.70
N ARG C 91 -45.87 -13.39 -11.50
CA ARG C 91 -45.20 -12.39 -12.32
C ARG C 91 -43.71 -12.37 -12.04
N GLU C 92 -43.35 -11.88 -10.86
CA GLU C 92 -41.96 -11.82 -10.48
C GLU C 92 -41.60 -13.27 -10.23
N TYR C 93 -42.47 -13.97 -9.51
CA TYR C 93 -42.27 -15.39 -9.23
C TYR C 93 -42.39 -16.15 -10.53
N GLU C 94 -43.31 -15.70 -11.38
CA GLU C 94 -43.52 -16.33 -12.67
C GLU C 94 -42.31 -16.13 -13.59
N ARG C 95 -41.71 -14.95 -13.51
CA ARG C 95 -40.54 -14.61 -14.32
C ARG C 95 -39.32 -15.37 -13.83
N LEU C 96 -39.28 -15.68 -12.54
CA LEU C 96 -38.16 -16.42 -11.98
C LEU C 96 -38.11 -17.84 -12.56
N ILE C 97 -39.28 -18.46 -12.69
CA ILE C 97 -39.35 -19.80 -13.22
C ILE C 97 -39.13 -19.77 -14.73
N GLU C 98 -39.61 -18.72 -15.39
CA GLU C 98 -39.43 -18.59 -16.81
C GLU C 98 -37.95 -18.55 -17.19
N VAL C 99 -37.14 -17.82 -16.41
CA VAL C 99 -35.72 -17.73 -16.73
C VAL C 99 -34.96 -18.94 -16.21
N PHE C 100 -35.46 -19.55 -15.14
CA PHE C 100 -34.80 -20.74 -14.60
C PHE C 100 -34.90 -21.91 -15.57
N ARG C 101 -36.11 -22.14 -16.10
CA ARG C 101 -36.30 -23.26 -17.01
C ARG C 101 -35.65 -22.99 -18.36
N ALA C 102 -35.58 -21.73 -18.76
CA ALA C 102 -34.96 -21.38 -20.02
C ALA C 102 -33.48 -21.72 -19.96
N HIS C 103 -32.94 -21.76 -18.75
CA HIS C 103 -31.53 -22.05 -18.54
C HIS C 103 -31.26 -23.40 -17.89
N ASP C 104 -32.26 -24.28 -17.90
CA ASP C 104 -32.12 -25.61 -17.31
C ASP C 104 -31.74 -25.58 -15.84
N ILE C 105 -32.41 -24.71 -15.09
CA ILE C 105 -32.11 -24.61 -13.67
C ILE C 105 -33.13 -25.38 -12.85
N GLY C 106 -32.67 -26.43 -12.21
CA GLY C 106 -33.54 -27.24 -11.38
C GLY C 106 -33.23 -27.04 -9.91
N TYR C 107 -32.15 -26.34 -9.63
CA TYR C 107 -31.75 -26.08 -8.26
C TYR C 107 -31.71 -24.59 -7.97
N PHE C 108 -32.29 -24.19 -6.83
CA PHE C 108 -32.32 -22.80 -6.42
C PHE C 108 -31.81 -22.67 -4.99
N PHE C 109 -30.59 -22.14 -4.85
CA PHE C 109 -29.97 -21.97 -3.54
C PHE C 109 -30.00 -20.50 -3.17
N TYR C 110 -30.96 -20.13 -2.34
CA TYR C 110 -31.12 -18.75 -1.92
C TYR C 110 -30.50 -18.53 -0.55
N ASN C 111 -29.46 -17.71 -0.53
CA ASN C 111 -28.68 -17.39 0.67
C ASN C 111 -29.01 -16.03 1.29
N GLY C 112 -29.95 -16.00 2.23
CA GLY C 112 -30.33 -14.74 2.86
C GLY C 112 -31.05 -14.82 4.20
N GLY C 113 -31.65 -13.70 4.61
CA GLY C 113 -32.37 -13.66 5.87
C GLY C 113 -33.75 -14.28 5.76
N GLY C 114 -34.63 -13.93 6.69
CA GLY C 114 -35.98 -14.47 6.69
C GLY C 114 -36.75 -14.31 5.40
N ASP C 115 -36.88 -13.09 4.92
CA ASP C 115 -37.60 -12.84 3.67
C ASP C 115 -37.18 -13.81 2.57
N SER C 116 -35.88 -13.91 2.36
CA SER C 116 -35.33 -14.81 1.35
C SER C 116 -35.90 -16.22 1.48
N GLN C 117 -35.76 -16.80 2.67
CA GLN C 117 -36.25 -18.14 2.94
C GLN C 117 -37.70 -18.31 2.49
N ASP C 118 -38.55 -17.37 2.88
CA ASP C 118 -39.97 -17.43 2.51
C ASP C 118 -40.15 -17.42 0.99
N THR C 119 -39.55 -16.44 0.33
CA THR C 119 -39.67 -16.37 -1.13
C THR C 119 -39.09 -17.61 -1.82
N ALA C 120 -38.10 -18.23 -1.20
CA ALA C 120 -37.50 -19.44 -1.76
C ALA C 120 -38.59 -20.49 -1.81
N TYR C 121 -39.30 -20.61 -0.68
CA TYR C 121 -40.39 -21.56 -0.53
C TYR C 121 -41.48 -21.35 -1.58
N LYS C 122 -41.94 -20.11 -1.70
CA LYS C 122 -42.99 -19.80 -2.66
C LYS C 122 -42.58 -20.20 -4.07
N VAL C 123 -41.34 -19.91 -4.46
CA VAL C 123 -40.85 -20.29 -5.79
C VAL C 123 -41.09 -21.78 -5.94
N SER C 124 -40.75 -22.51 -4.90
CA SER C 124 -40.92 -23.96 -4.87
C SER C 124 -42.37 -24.34 -5.16
N GLN C 125 -43.30 -23.61 -4.54
CA GLN C 125 -44.72 -23.87 -4.71
C GLN C 125 -45.18 -23.59 -6.13
N LEU C 126 -44.81 -22.42 -6.65
CA LEU C 126 -45.21 -22.05 -7.98
C LEU C 126 -44.59 -23.01 -9.00
N ALA C 127 -43.31 -23.33 -8.81
CA ALA C 127 -42.62 -24.25 -9.72
C ALA C 127 -43.44 -25.50 -9.94
N ASP C 128 -43.95 -26.08 -8.87
CA ASP C 128 -44.77 -27.29 -8.97
C ASP C 128 -46.05 -26.98 -9.73
N ARG C 129 -46.78 -26.00 -9.23
CA ARG C 129 -48.03 -25.55 -9.81
C ARG C 129 -47.92 -25.38 -11.33
N MET C 130 -46.84 -24.74 -11.77
CA MET C 130 -46.58 -24.51 -13.19
C MET C 130 -46.03 -25.74 -13.92
N GLY C 131 -45.88 -26.85 -13.19
CA GLY C 131 -45.38 -28.05 -13.82
C GLY C 131 -43.89 -28.02 -14.05
N TYR C 132 -43.19 -27.26 -13.21
CA TYR C 132 -41.74 -27.13 -13.32
C TYR C 132 -41.03 -27.21 -11.99
N PRO C 133 -41.03 -28.41 -11.39
CA PRO C 133 -40.35 -28.56 -10.10
C PRO C 133 -38.92 -28.03 -10.14
N ILE C 134 -38.55 -27.34 -9.08
CA ILE C 134 -37.22 -26.79 -8.90
C ILE C 134 -36.97 -26.95 -7.42
N THR C 135 -36.01 -27.78 -7.06
CA THR C 135 -35.70 -27.98 -5.65
C THR C 135 -35.03 -26.70 -5.12
N CYS C 136 -35.64 -26.12 -4.10
CA CYS C 136 -35.14 -24.88 -3.51
C CYS C 136 -34.72 -25.09 -2.07
N ILE C 137 -33.45 -24.83 -1.79
CA ILE C 137 -32.93 -24.97 -0.44
C ILE C 137 -32.34 -23.63 -0.07
N GLY C 138 -32.80 -23.08 1.05
CA GLY C 138 -32.29 -21.79 1.48
C GLY C 138 -31.09 -21.93 2.38
N VAL C 139 -30.11 -21.03 2.26
CA VAL C 139 -28.91 -21.06 3.09
C VAL C 139 -29.01 -19.87 4.03
N PRO C 140 -29.04 -20.11 5.35
CA PRO C 140 -29.15 -19.07 6.38
C PRO C 140 -28.08 -17.99 6.31
N LYS C 141 -28.48 -16.75 6.58
CA LYS C 141 -27.56 -15.62 6.53
C LYS C 141 -28.11 -14.42 7.29
N THR C 142 -27.51 -14.06 8.42
CA THR C 142 -27.95 -12.88 9.18
C THR C 142 -27.02 -12.43 10.27
N VAL C 143 -26.59 -11.18 10.14
CA VAL C 143 -25.70 -10.56 11.09
C VAL C 143 -26.50 -10.22 12.36
N ASP C 144 -27.83 -10.17 12.21
CA ASP C 144 -28.71 -9.87 13.34
C ASP C 144 -29.03 -11.12 14.16
N ASN C 145 -28.66 -12.28 13.65
CA ASN C 145 -28.86 -13.54 14.35
C ASN C 145 -30.30 -13.76 14.80
N ASP C 146 -31.26 -13.34 13.99
CA ASP C 146 -32.66 -13.49 14.38
C ASP C 146 -33.46 -14.49 13.56
N LEU C 147 -32.78 -15.46 12.95
CA LEU C 147 -33.47 -16.50 12.18
C LEU C 147 -33.82 -17.61 13.15
N PRO C 148 -34.98 -18.26 12.94
CA PRO C 148 -35.40 -19.34 13.84
C PRO C 148 -34.89 -20.72 13.43
N PHE C 149 -35.06 -21.68 14.34
CA PHE C 149 -34.67 -23.06 14.11
C PHE C 149 -33.19 -23.26 13.85
N THR C 150 -32.36 -22.42 14.44
CA THR C 150 -30.93 -22.55 14.26
C THR C 150 -30.20 -21.95 15.46
N ASP C 151 -29.04 -22.52 15.77
CA ASP C 151 -28.24 -22.05 16.91
C ASP C 151 -27.80 -20.61 16.66
N CYS C 152 -26.96 -20.44 15.63
CA CYS C 152 -26.45 -19.14 15.26
C CYS C 152 -26.66 -18.92 13.75
N CYS C 153 -26.81 -17.65 13.36
CA CYS C 153 -27.00 -17.30 11.95
C CYS C 153 -25.64 -16.94 11.37
N PRO C 154 -25.20 -17.66 10.33
CA PRO C 154 -23.90 -17.35 9.74
C PRO C 154 -23.73 -15.85 9.51
N GLY C 155 -22.62 -15.31 10.00
CA GLY C 155 -22.37 -13.89 9.84
C GLY C 155 -22.35 -13.16 11.15
N PHE C 156 -23.10 -13.65 12.13
CA PHE C 156 -23.15 -13.02 13.44
C PHE C 156 -21.86 -13.21 14.22
N GLY C 157 -21.50 -14.46 14.45
CA GLY C 157 -20.29 -14.75 15.21
C GLY C 157 -19.07 -13.93 14.86
N SER C 158 -18.94 -13.54 13.60
CA SER C 158 -17.81 -12.75 13.18
C SER C 158 -17.94 -11.29 13.61
N VAL C 159 -19.14 -10.73 13.57
CA VAL C 159 -19.26 -9.36 14.03
C VAL C 159 -19.01 -9.41 15.52
N ALA C 160 -19.63 -10.40 16.17
CA ALA C 160 -19.52 -10.56 17.62
C ALA C 160 -18.07 -10.53 18.02
N LYS C 161 -17.24 -11.29 17.31
CA LYS C 161 -15.82 -11.36 17.59
C LYS C 161 -15.22 -9.97 17.36
N TYR C 162 -15.60 -9.34 16.25
CA TYR C 162 -15.11 -8.00 15.94
C TYR C 162 -15.49 -7.00 17.04
N ILE C 163 -16.76 -6.96 17.41
CA ILE C 163 -17.21 -6.03 18.45
C ILE C 163 -16.52 -6.27 19.78
N ALA C 164 -16.38 -7.53 20.17
CA ALA C 164 -15.73 -7.85 21.44
C ALA C 164 -14.27 -7.41 21.39
N THR C 165 -13.58 -7.76 20.30
CA THR C 165 -12.17 -7.40 20.15
C THR C 165 -12.02 -5.89 20.17
N SER C 166 -12.82 -5.20 19.37
CA SER C 166 -12.75 -3.74 19.30
C SER C 166 -13.01 -3.08 20.66
N THR C 167 -13.96 -3.62 21.42
CA THR C 167 -14.29 -3.07 22.74
C THR C 167 -13.11 -3.30 23.68
N LEU C 168 -12.50 -4.47 23.59
CA LEU C 168 -11.36 -4.80 24.45
C LEU C 168 -10.17 -3.90 24.15
N GLU C 169 -9.90 -3.70 22.87
CA GLU C 169 -8.79 -2.86 22.46
C GLU C 169 -9.01 -1.38 22.83
N ALA C 170 -10.19 -0.85 22.50
CA ALA C 170 -10.46 0.54 22.84
C ALA C 170 -10.43 0.76 24.36
N SER C 171 -10.88 -0.25 25.10
CA SER C 171 -10.90 -0.15 26.56
C SER C 171 -9.48 -0.01 27.12
N LEU C 172 -8.58 -0.88 26.65
CA LEU C 172 -7.21 -0.81 27.12
C LEU C 172 -6.64 0.58 26.85
N ASP C 173 -7.07 1.18 25.75
CA ASP C 173 -6.60 2.51 25.40
C ASP C 173 -7.08 3.53 26.44
N ILE C 174 -8.39 3.69 26.55
CA ILE C 174 -8.99 4.62 27.49
C ILE C 174 -8.38 4.46 28.88
N LYS C 175 -8.32 3.22 29.34
CA LYS C 175 -7.78 2.89 30.65
C LYS C 175 -6.38 3.46 30.86
N SER C 176 -5.62 3.50 29.77
CA SER C 176 -4.26 4.00 29.78
C SER C 176 -4.11 5.46 30.16
N MET C 177 -5.12 6.27 29.83
CA MET C 177 -5.01 7.69 30.10
C MET C 177 -6.24 8.35 30.71
N CYS C 178 -7.13 7.56 31.30
CA CYS C 178 -8.35 8.10 31.88
C CYS C 178 -8.13 9.04 33.05
N GLU C 179 -6.89 9.13 33.54
CA GLU C 179 -6.61 10.03 34.65
C GLU C 179 -6.39 11.46 34.18
N THR C 180 -5.86 11.59 32.98
CA THR C 180 -5.55 12.88 32.40
C THR C 180 -6.54 13.28 31.32
N SER C 181 -6.75 12.36 30.38
CA SER C 181 -7.62 12.59 29.24
C SER C 181 -9.02 12.01 29.37
N THR C 182 -9.61 11.70 28.22
CA THR C 182 -10.96 11.14 28.14
C THR C 182 -11.26 10.03 29.14
N LYS C 183 -12.45 10.08 29.75
CA LYS C 183 -12.83 9.06 30.71
C LYS C 183 -14.13 8.32 30.38
N VAL C 184 -14.74 8.66 29.25
CA VAL C 184 -15.96 7.98 28.82
C VAL C 184 -15.87 7.71 27.32
N PHE C 185 -15.88 6.44 26.96
CA PHE C 185 -15.81 6.09 25.54
C PHE C 185 -17.06 5.34 25.10
N ILE C 186 -17.67 5.82 24.02
CA ILE C 186 -18.89 5.20 23.50
C ILE C 186 -18.66 4.62 22.11
N LEU C 187 -19.07 3.36 21.94
CA LEU C 187 -18.90 2.66 20.67
C LEU C 187 -20.26 2.20 20.16
N GLU C 188 -20.76 2.88 19.14
CA GLU C 188 -22.06 2.54 18.56
C GLU C 188 -21.96 1.38 17.60
N VAL C 189 -22.75 0.33 17.85
CA VAL C 189 -22.74 -0.86 17.01
C VAL C 189 -24.09 -1.08 16.33
N MET C 190 -24.13 -2.02 15.38
CA MET C 190 -25.36 -2.33 14.66
C MET C 190 -26.34 -3.07 15.57
N GLY C 191 -27.58 -3.18 15.10
CA GLY C 191 -28.62 -3.85 15.86
C GLY C 191 -29.80 -2.92 16.14
N ARG C 192 -30.77 -2.88 15.24
CA ARG C 192 -31.92 -2.00 15.39
C ARG C 192 -33.02 -2.51 16.32
N HIS C 193 -33.40 -3.77 16.22
CA HIS C 193 -34.46 -4.29 17.07
C HIS C 193 -33.95 -5.38 17.99
N ALA C 194 -32.78 -5.92 17.65
CA ALA C 194 -32.15 -6.98 18.43
C ALA C 194 -30.85 -6.44 19.06
N GLY C 195 -30.50 -6.99 20.22
CA GLY C 195 -29.29 -6.54 20.90
C GLY C 195 -28.19 -7.59 20.92
N TRP C 196 -28.29 -8.60 20.04
CA TRP C 196 -27.29 -9.66 19.97
C TRP C 196 -25.90 -9.12 19.71
N ILE C 197 -25.79 -8.15 18.81
CA ILE C 197 -24.49 -7.57 18.48
C ILE C 197 -23.92 -6.80 19.68
N ALA C 198 -24.73 -5.91 20.25
CA ALA C 198 -24.30 -5.15 21.41
C ALA C 198 -23.89 -6.10 22.53
N ALA C 199 -24.62 -7.20 22.67
CA ALA C 199 -24.33 -8.20 23.70
C ALA C 199 -22.93 -8.77 23.54
N ALA C 200 -22.48 -8.91 22.30
CA ALA C 200 -21.15 -9.46 22.07
C ALA C 200 -20.08 -8.58 22.74
N GLY C 201 -20.38 -7.30 22.90
CA GLY C 201 -19.42 -6.40 23.52
C GLY C 201 -19.05 -6.81 24.93
N GLY C 202 -20.01 -7.42 25.63
CA GLY C 202 -19.76 -7.85 26.99
C GLY C 202 -18.69 -8.93 27.12
N LEU C 203 -18.41 -9.64 26.04
CA LEU C 203 -17.40 -10.69 26.06
C LEU C 203 -16.01 -10.17 26.30
N ALA C 204 -15.86 -8.84 26.28
CA ALA C 204 -14.56 -8.20 26.49
C ALA C 204 -14.14 -8.25 27.96
N GLY C 205 -15.09 -8.03 28.84
CA GLY C 205 -14.81 -8.07 30.26
C GLY C 205 -15.64 -9.16 30.91
N GLN C 206 -15.08 -9.84 31.89
CA GLN C 206 -15.82 -10.92 32.55
C GLN C 206 -16.31 -10.67 33.95
N SER C 207 -15.72 -9.71 34.66
CA SER C 207 -16.15 -9.42 36.03
C SER C 207 -16.82 -8.06 36.08
N GLU C 208 -16.99 -7.52 37.28
CA GLU C 208 -17.63 -6.23 37.42
C GLU C 208 -16.53 -5.19 37.62
N GLY C 209 -16.66 -4.07 36.94
CA GLY C 209 -15.64 -3.04 37.05
C GLY C 209 -14.81 -2.99 35.78
N GLU C 210 -14.78 -4.11 35.05
CA GLU C 210 -14.04 -4.13 33.80
C GLU C 210 -14.99 -4.03 32.62
N PRO C 211 -14.57 -3.34 31.55
CA PRO C 211 -15.28 -3.08 30.29
C PRO C 211 -15.93 -4.25 29.57
N PRO C 212 -17.11 -4.03 28.98
CA PRO C 212 -17.84 -2.75 28.93
C PRO C 212 -18.70 -2.55 30.18
N HIS C 213 -18.66 -1.33 30.71
CA HIS C 213 -19.42 -1.00 31.92
C HIS C 213 -20.90 -0.86 31.64
N VAL C 214 -21.22 -0.43 30.42
CA VAL C 214 -22.61 -0.24 30.03
C VAL C 214 -22.88 -0.72 28.61
N ILE C 215 -23.92 -1.54 28.46
CA ILE C 215 -24.31 -2.05 27.15
C ILE C 215 -25.76 -1.63 26.94
N LEU C 216 -26.01 -0.77 25.96
CA LEU C 216 -27.37 -0.34 25.68
C LEU C 216 -28.02 -1.30 24.69
N PHE C 217 -29.01 -2.05 25.19
CA PHE C 217 -29.77 -3.03 24.42
C PHE C 217 -31.08 -2.40 23.91
N PRO C 218 -31.49 -2.74 22.67
CA PRO C 218 -32.74 -2.12 22.21
C PRO C 218 -33.93 -2.79 22.93
N GLU C 219 -33.66 -3.94 23.57
CA GLU C 219 -34.69 -4.68 24.29
C GLU C 219 -35.04 -4.01 25.61
N ILE C 220 -34.12 -3.17 26.11
CA ILE C 220 -34.32 -2.47 27.37
C ILE C 220 -34.55 -1.00 27.12
N PRO C 221 -35.68 -0.45 27.59
CA PRO C 221 -35.93 0.98 27.36
C PRO C 221 -34.82 1.83 28.01
N PHE C 222 -34.40 2.86 27.30
CA PHE C 222 -33.34 3.75 27.77
C PHE C 222 -33.79 4.66 28.93
N ASN C 223 -33.24 4.40 30.12
CA ASN C 223 -33.56 5.21 31.30
C ASN C 223 -32.40 6.20 31.52
N ARG C 224 -32.47 7.36 30.87
CA ARG C 224 -31.42 8.36 30.97
C ARG C 224 -30.81 8.56 32.36
N GLU C 225 -31.64 8.73 33.38
CA GLU C 225 -31.16 8.94 34.74
C GLU C 225 -30.36 7.74 35.24
N LYS C 226 -30.84 6.54 34.95
CA LYS C 226 -30.14 5.33 35.37
C LYS C 226 -28.80 5.21 34.63
N PHE C 227 -28.81 5.61 33.36
CA PHE C 227 -27.61 5.58 32.53
C PHE C 227 -26.58 6.56 33.08
N LEU C 228 -26.93 7.84 33.03
CA LEU C 228 -26.05 8.89 33.50
C LEU C 228 -25.42 8.62 34.87
N GLU C 229 -26.14 7.95 35.75
CA GLU C 229 -25.58 7.71 37.07
C GLU C 229 -24.73 6.46 37.13
N ARG C 230 -24.93 5.53 36.20
CA ARG C 230 -24.14 4.31 36.18
C ARG C 230 -22.76 4.66 35.61
N VAL C 231 -22.76 5.50 34.57
CA VAL C 231 -21.51 5.92 33.96
C VAL C 231 -20.75 6.76 34.97
N ASP C 232 -21.38 7.80 35.48
CA ASP C 232 -20.73 8.67 36.47
C ASP C 232 -20.18 7.81 37.60
N GLN C 233 -20.96 6.84 38.04
CA GLN C 233 -20.52 5.95 39.12
C GLN C 233 -19.27 5.20 38.70
N CYS C 234 -19.20 4.83 37.42
CA CYS C 234 -18.05 4.10 36.90
C CYS C 234 -16.75 4.90 36.79
N VAL C 235 -16.84 6.11 36.23
CA VAL C 235 -15.65 6.93 36.06
C VAL C 235 -14.96 7.24 37.38
N ARG C 236 -15.74 7.37 38.45
CA ARG C 236 -15.15 7.67 39.75
C ARG C 236 -15.06 6.46 40.66
N ASP C 237 -14.96 5.28 40.06
CA ASP C 237 -14.87 4.03 40.80
C ASP C 237 -13.82 3.19 40.11
N TYR C 238 -13.81 3.26 38.79
CA TYR C 238 -12.87 2.51 37.97
C TYR C 238 -11.96 3.44 37.19
N GLY C 239 -12.25 4.74 37.24
CA GLY C 239 -11.43 5.71 36.55
C GLY C 239 -11.95 6.13 35.20
N TYR C 240 -12.82 5.31 34.63
CA TYR C 240 -13.38 5.58 33.31
C TYR C 240 -14.59 4.71 33.07
N CYS C 241 -15.20 4.88 31.90
CA CYS C 241 -16.38 4.10 31.55
C CYS C 241 -16.58 3.98 30.04
N VAL C 242 -16.72 2.75 29.56
CA VAL C 242 -16.91 2.49 28.14
C VAL C 242 -18.28 1.88 27.89
N VAL C 243 -19.07 2.52 27.05
CA VAL C 243 -20.40 2.01 26.76
C VAL C 243 -20.51 1.57 25.31
N VAL C 244 -21.12 0.41 25.11
CA VAL C 244 -21.34 -0.13 23.77
C VAL C 244 -22.83 0.00 23.55
N ALA C 245 -23.21 0.95 22.70
CA ALA C 245 -24.62 1.21 22.41
C ALA C 245 -25.03 0.80 21.00
N SER C 246 -26.13 0.05 20.89
CA SER C 246 -26.60 -0.36 19.58
C SER C 246 -27.41 0.79 19.00
N GLU C 247 -27.39 0.94 17.68
CA GLU C 247 -28.13 2.00 17.01
C GLU C 247 -29.61 1.94 17.37
N GLY C 248 -30.03 0.80 17.92
CA GLY C 248 -31.43 0.62 18.28
C GLY C 248 -31.84 1.10 19.67
N ALA C 249 -31.00 1.91 20.31
CA ALA C 249 -31.32 2.43 21.62
C ALA C 249 -32.62 3.23 21.51
N GLN C 250 -33.63 2.79 22.24
CA GLN C 250 -34.93 3.44 22.20
C GLN C 250 -35.59 3.49 23.59
N TYR C 251 -36.74 4.16 23.65
CA TYR C 251 -37.50 4.28 24.88
C TYR C 251 -38.71 3.34 24.81
N GLU C 252 -39.88 3.88 24.50
CA GLU C 252 -41.10 3.08 24.40
C GLU C 252 -42.03 3.69 23.36
N ARG C 255 -35.93 6.43 19.97
CA ARG C 255 -34.56 6.31 19.47
C ARG C 255 -33.59 7.20 20.21
N PHE C 256 -32.32 7.17 19.82
CA PHE C 256 -31.30 8.00 20.45
C PHE C 256 -31.21 7.70 21.94
N GLY C 273 -25.95 10.78 15.05
CA GLY C 273 -26.55 9.59 15.59
C GLY C 273 -26.54 9.19 17.00
N VAL C 274 -26.74 8.00 17.35
CA VAL C 274 -26.74 7.59 18.72
C VAL C 274 -25.47 7.68 19.64
N ALA C 275 -24.34 7.95 19.07
CA ALA C 275 -23.14 7.91 19.75
C ALA C 275 -22.90 9.30 20.09
N PRO C 276 -23.00 10.26 19.20
CA PRO C 276 -22.80 11.63 19.70
C PRO C 276 -23.89 12.00 20.72
N ALA C 277 -25.10 11.44 20.55
CA ALA C 277 -26.21 11.73 21.44
C ALA C 277 -25.86 11.42 22.88
N LEU C 278 -25.51 10.16 23.14
CA LEU C 278 -25.16 9.74 24.48
C LEU C 278 -24.00 10.56 25.01
N ALA C 279 -23.01 10.80 24.16
CA ALA C 279 -21.84 11.58 24.53
C ALA C 279 -22.27 12.95 25.07
N ASN C 280 -23.15 13.62 24.34
CA ASN C 280 -23.60 14.93 24.77
C ASN C 280 -24.27 14.85 26.14
N MET C 281 -25.05 13.79 26.35
CA MET C 281 -25.71 13.59 27.62
C MET C 281 -24.70 13.63 28.77
N VAL C 282 -23.68 12.77 28.71
CA VAL C 282 -22.68 12.73 29.78
C VAL C 282 -21.92 14.05 29.94
N LYS C 283 -21.68 14.75 28.82
CA LYS C 283 -20.95 16.01 28.89
C LYS C 283 -21.74 17.07 29.65
N GLN C 284 -22.90 17.42 29.13
CA GLN C 284 -23.73 18.44 29.76
C GLN C 284 -24.20 18.06 31.17
N ALA C 285 -24.23 16.76 31.47
CA ALA C 285 -24.69 16.32 32.78
C ALA C 285 -23.61 15.86 33.77
N LEU C 286 -22.49 15.36 33.27
CA LEU C 286 -21.43 14.91 34.17
C LEU C 286 -20.11 15.65 33.94
N GLY C 287 -20.03 16.34 32.81
CA GLY C 287 -18.83 17.11 32.47
C GLY C 287 -17.60 16.29 32.12
N HIS C 288 -17.73 14.97 32.00
CA HIS C 288 -16.58 14.14 31.67
C HIS C 288 -16.17 14.24 30.21
N LYS C 289 -14.87 14.18 29.98
CA LYS C 289 -14.32 14.23 28.63
C LYS C 289 -14.72 12.90 27.99
N TYR C 290 -15.31 12.96 26.80
CA TYR C 290 -15.75 11.77 26.12
C TYR C 290 -15.06 11.54 24.76
N HIS C 291 -15.35 10.40 24.17
CA HIS C 291 -14.80 10.02 22.87
C HIS C 291 -15.80 8.98 22.38
N TRP C 292 -16.14 9.04 21.10
CA TRP C 292 -17.10 8.08 20.56
C TRP C 292 -16.67 7.54 19.20
N ALA C 293 -17.23 6.39 18.85
CA ALA C 293 -16.94 5.77 17.57
C ALA C 293 -18.19 5.10 17.03
N VAL C 294 -18.29 5.06 15.72
CA VAL C 294 -19.42 4.41 15.04
C VAL C 294 -18.83 3.43 14.01
N ALA C 295 -18.83 2.16 14.37
CA ALA C 295 -18.28 1.13 13.52
C ALA C 295 -18.95 1.00 12.17
N ASP C 296 -20.28 1.09 12.12
CA ASP C 296 -21.02 0.97 10.86
C ASP C 296 -20.59 -0.29 10.09
N TYR C 297 -20.62 -0.22 8.77
CA TYR C 297 -20.27 -1.36 7.91
C TYR C 297 -18.98 -2.08 8.25
N LEU C 298 -18.05 -1.40 8.94
CA LEU C 298 -16.79 -2.02 9.30
C LEU C 298 -16.93 -3.34 10.08
N GLN C 299 -18.00 -3.43 10.87
CA GLN C 299 -18.25 -4.60 11.70
C GLN C 299 -18.82 -5.81 10.95
N ARG C 300 -19.50 -5.57 9.82
CA ARG C 300 -20.06 -6.65 9.02
C ARG C 300 -19.16 -6.91 7.82
N ALA C 301 -17.94 -6.34 7.84
CA ALA C 301 -17.02 -6.56 6.74
C ALA C 301 -15.64 -6.95 7.25
N ALA C 302 -15.51 -6.94 8.58
CA ALA C 302 -14.25 -7.26 9.24
C ALA C 302 -13.78 -8.71 9.12
N ARG C 303 -13.68 -9.21 7.90
CA ARG C 303 -13.24 -10.58 7.68
C ARG C 303 -11.88 -10.84 8.33
N HIS C 304 -11.00 -9.85 8.31
CA HIS C 304 -9.66 -9.99 8.87
C HIS C 304 -9.64 -10.51 10.29
N ILE C 305 -10.76 -10.38 11.00
CA ILE C 305 -10.86 -10.91 12.37
C ILE C 305 -12.20 -11.57 12.51
N ALA C 306 -12.54 -12.41 11.53
CA ALA C 306 -13.79 -13.14 11.58
C ALA C 306 -13.58 -14.36 12.49
N SER C 307 -14.70 -14.89 13.00
CA SER C 307 -14.66 -16.08 13.84
C SER C 307 -14.31 -17.26 12.97
N ALA C 308 -13.46 -18.15 13.47
CA ALA C 308 -13.07 -19.32 12.69
C ALA C 308 -14.22 -20.30 12.65
N THR C 309 -14.94 -20.41 13.76
CA THR C 309 -16.08 -21.31 13.80
C THR C 309 -17.15 -20.76 12.86
N ASP C 310 -17.23 -19.44 12.80
CA ASP C 310 -18.21 -18.80 11.94
C ASP C 310 -18.00 -19.14 10.45
N VAL C 311 -16.82 -18.86 9.90
CA VAL C 311 -16.61 -19.17 8.48
C VAL C 311 -16.83 -20.66 8.27
N GLU C 312 -16.57 -21.43 9.32
CA GLU C 312 -16.72 -22.87 9.30
C GLU C 312 -18.19 -23.27 9.05
N GLN C 313 -19.08 -22.80 9.92
CA GLN C 313 -20.48 -23.09 9.81
C GLN C 313 -21.10 -22.44 8.57
N ALA C 314 -20.49 -21.33 8.14
CA ALA C 314 -20.95 -20.59 6.96
C ALA C 314 -20.74 -21.42 5.70
N TYR C 315 -19.54 -21.99 5.55
CA TYR C 315 -19.18 -22.83 4.40
C TYR C 315 -20.01 -24.08 4.49
N ALA C 316 -20.19 -24.54 5.72
CA ALA C 316 -20.97 -25.74 6.01
C ALA C 316 -22.39 -25.67 5.43
N VAL C 317 -23.19 -24.74 5.93
CA VAL C 317 -24.56 -24.61 5.45
C VAL C 317 -24.63 -24.52 3.93
N GLY C 318 -23.60 -23.93 3.32
CA GLY C 318 -23.57 -23.82 1.86
C GLY C 318 -23.38 -25.17 1.19
N LYS C 319 -22.52 -25.98 1.78
CA LYS C 319 -22.20 -27.32 1.32
C LYS C 319 -23.40 -28.23 1.58
N ALA C 320 -23.94 -28.15 2.80
CA ALA C 320 -25.07 -28.97 3.20
C ALA C 320 -26.35 -28.72 2.41
N ALA C 321 -26.44 -27.52 1.82
CA ALA C 321 -27.61 -27.15 1.04
C ALA C 321 -27.54 -27.88 -0.29
N VAL C 322 -26.34 -27.89 -0.88
CA VAL C 322 -26.13 -28.57 -2.13
C VAL C 322 -26.41 -30.07 -1.94
N GLU C 323 -25.80 -30.65 -0.91
CA GLU C 323 -25.98 -32.07 -0.60
C GLU C 323 -27.45 -32.42 -0.34
N MET C 324 -28.17 -31.59 0.41
CA MET C 324 -29.58 -31.87 0.68
C MET C 324 -30.31 -31.97 -0.66
N ALA C 325 -30.04 -31.00 -1.53
CA ALA C 325 -30.67 -30.97 -2.85
C ALA C 325 -30.37 -32.28 -3.56
N LEU C 326 -29.09 -32.60 -3.68
CA LEU C 326 -28.64 -33.84 -4.31
C LEU C 326 -29.32 -35.07 -3.72
N ALA C 327 -29.54 -35.06 -2.42
CA ALA C 327 -30.20 -36.18 -1.76
C ALA C 327 -31.59 -36.33 -2.35
N GLY C 328 -32.20 -35.21 -2.70
CA GLY C 328 -33.54 -35.21 -3.28
C GLY C 328 -34.56 -34.48 -2.43
N LYS C 329 -34.07 -33.65 -1.50
CA LYS C 329 -34.94 -32.91 -0.59
C LYS C 329 -35.46 -31.58 -1.14
N GLN C 330 -36.56 -31.09 -0.54
CA GLN C 330 -37.22 -29.85 -1.00
C GLN C 330 -37.70 -28.87 0.09
N ALA C 331 -37.69 -27.59 -0.24
CA ALA C 331 -38.15 -26.51 0.64
C ALA C 331 -37.59 -26.55 2.07
N LEU C 332 -36.28 -26.71 2.17
CA LEU C 332 -35.61 -26.75 3.45
C LEU C 332 -34.58 -25.63 3.57
N MET C 333 -34.09 -25.43 4.79
CA MET C 333 -33.06 -24.44 5.12
C MET C 333 -32.09 -25.23 6.03
N PRO C 334 -30.81 -25.36 5.64
CA PRO C 334 -29.91 -26.10 6.53
C PRO C 334 -29.62 -25.20 7.71
N THR C 335 -29.44 -25.79 8.88
CA THR C 335 -29.17 -25.02 10.07
C THR C 335 -27.88 -25.43 10.78
N ILE C 336 -27.62 -24.77 11.90
CA ILE C 336 -26.45 -25.09 12.72
C ILE C 336 -27.06 -25.61 14.01
N VAL C 337 -26.72 -26.85 14.38
CA VAL C 337 -27.22 -27.43 15.61
C VAL C 337 -26.07 -27.65 16.61
N ARG C 338 -26.32 -27.21 17.84
CA ARG C 338 -25.38 -27.31 18.95
C ARG C 338 -25.37 -28.71 19.58
N ASP C 339 -24.39 -29.52 19.17
CA ASP C 339 -24.25 -30.88 19.67
C ASP C 339 -23.69 -30.96 21.08
N GLN C 340 -23.40 -29.81 21.68
CA GLN C 340 -22.83 -29.81 23.03
C GLN C 340 -22.58 -28.40 23.55
N ALA C 341 -23.20 -28.05 24.68
CA ALA C 341 -23.01 -26.72 25.28
C ALA C 341 -21.55 -26.62 25.77
N LYS C 342 -21.11 -27.63 26.51
CA LYS C 342 -19.72 -27.72 27.01
C LYS C 342 -18.92 -27.83 25.71
N PRO C 343 -17.57 -27.81 25.78
CA PRO C 343 -16.78 -27.91 24.56
C PRO C 343 -17.58 -27.89 23.25
N TYR C 344 -18.21 -26.75 23.01
CA TYR C 344 -19.09 -26.49 21.84
C TYR C 344 -18.92 -27.35 20.60
N ARG C 345 -19.93 -28.17 20.33
CA ARG C 345 -19.97 -29.03 19.16
C ARG C 345 -21.17 -28.61 18.33
N TRP C 346 -21.01 -28.57 17.01
CA TRP C 346 -22.10 -28.19 16.12
C TRP C 346 -22.15 -29.07 14.87
N SER C 347 -23.34 -29.18 14.28
CA SER C 347 -23.53 -29.96 13.05
C SER C 347 -24.62 -29.32 12.20
N ILE C 348 -24.77 -29.76 10.96
CA ILE C 348 -25.79 -29.18 10.08
C ILE C 348 -27.18 -29.75 10.34
N GLY C 349 -28.13 -28.86 10.66
CA GLY C 349 -29.50 -29.26 10.92
C GLY C 349 -30.41 -29.11 9.70
N GLU C 350 -31.72 -29.04 9.93
CA GLU C 350 -32.68 -28.89 8.83
C GLU C 350 -34.00 -28.33 9.33
N ALA C 351 -34.51 -27.33 8.62
CA ALA C 351 -35.78 -26.72 8.97
C ALA C 351 -36.59 -26.50 7.68
N ASN C 352 -37.91 -26.35 7.82
CA ASN C 352 -38.75 -26.15 6.65
C ASN C 352 -38.85 -24.68 6.28
N LEU C 353 -38.66 -24.37 5.00
CA LEU C 353 -38.76 -22.98 4.56
C LEU C 353 -40.12 -22.46 4.96
N SER C 354 -41.13 -23.29 4.72
CA SER C 354 -42.51 -22.93 5.04
C SER C 354 -42.69 -22.20 6.37
N GLU C 355 -42.07 -22.72 7.42
CA GLU C 355 -42.20 -22.12 8.75
C GLU C 355 -41.14 -21.12 9.17
N VAL C 356 -39.96 -21.18 8.55
CA VAL C 356 -38.88 -20.25 8.90
C VAL C 356 -39.36 -18.80 8.88
N ALA C 357 -40.20 -18.48 7.90
CA ALA C 357 -40.73 -17.13 7.79
C ALA C 357 -41.82 -16.96 8.84
N ASN C 358 -42.12 -15.71 9.18
CA ASN C 358 -43.14 -15.40 10.17
C ASN C 358 -42.85 -16.09 11.51
N GLN C 359 -41.64 -15.87 12.03
CA GLN C 359 -41.24 -16.47 13.30
C GLN C 359 -39.73 -16.35 13.50
N GLU C 360 -39.29 -15.23 14.08
CA GLU C 360 -37.88 -14.99 14.33
C GLU C 360 -37.50 -15.38 15.76
N LYS C 361 -36.20 -15.32 16.05
CA LYS C 361 -35.70 -15.66 17.37
C LYS C 361 -35.29 -14.41 18.15
N LYS C 362 -36.22 -13.86 18.91
CA LYS C 362 -35.96 -12.66 19.69
C LYS C 362 -34.91 -12.91 20.76
N MET C 363 -34.35 -11.83 21.30
CA MET C 363 -33.31 -11.94 22.34
C MET C 363 -33.89 -12.18 23.74
N PRO C 364 -33.66 -13.39 24.30
CA PRO C 364 -34.12 -13.82 25.62
C PRO C 364 -33.65 -12.89 26.75
N ILE C 365 -34.55 -12.04 27.24
CA ILE C 365 -34.24 -11.09 28.31
C ILE C 365 -33.51 -11.68 29.52
N HIS C 366 -33.45 -13.01 29.63
CA HIS C 366 -32.74 -13.61 30.75
C HIS C 366 -31.26 -13.70 30.38
N TYR C 367 -30.88 -12.84 29.42
CA TYR C 367 -29.50 -12.75 28.92
C TYR C 367 -28.92 -11.41 29.42
N ILE C 368 -29.82 -10.46 29.65
CA ILE C 368 -29.48 -9.13 30.12
C ILE C 368 -29.67 -9.03 31.64
N THR C 369 -28.60 -8.65 32.36
CA THR C 369 -28.68 -8.50 33.82
C THR C 369 -29.79 -7.53 34.24
N ASP C 370 -29.96 -7.34 35.54
CA ASP C 370 -31.00 -6.46 36.06
C ASP C 370 -30.75 -4.97 36.01
N ASN C 371 -29.50 -4.57 35.74
CA ASN C 371 -29.17 -3.16 35.64
C ASN C 371 -29.78 -2.73 34.32
N GLY C 372 -29.64 -3.63 33.35
CA GLY C 372 -30.13 -3.40 32.00
C GLY C 372 -28.93 -3.02 31.14
N PHE C 373 -27.77 -2.98 31.80
CA PHE C 373 -26.52 -2.60 31.15
C PHE C 373 -25.49 -3.71 31.11
N GLY C 374 -25.85 -4.88 31.63
CA GLY C 374 -24.91 -5.98 31.62
C GLY C 374 -25.36 -7.21 30.89
N ILE C 375 -24.52 -8.23 30.97
CA ILE C 375 -24.74 -9.53 30.32
C ILE C 375 -24.76 -10.61 31.43
N THR C 376 -25.36 -11.77 31.17
CA THR C 376 -25.37 -12.84 32.17
C THR C 376 -24.44 -13.98 31.77
N GLN C 377 -24.25 -14.93 32.70
CA GLN C 377 -23.36 -16.07 32.46
C GLN C 377 -24.01 -17.07 31.50
N ASP C 378 -25.32 -16.95 31.32
CA ASP C 378 -26.01 -17.84 30.40
C ASP C 378 -25.62 -17.35 29.01
N CYS C 379 -25.84 -16.07 28.79
CA CYS C 379 -25.52 -15.42 27.53
C CYS C 379 -24.09 -15.78 27.11
N ARG C 380 -23.19 -15.82 28.09
CA ARG C 380 -21.80 -16.16 27.80
C ARG C 380 -21.68 -17.56 27.23
N ASP C 381 -22.07 -18.57 28.02
CA ASP C 381 -21.99 -19.96 27.57
C ASP C 381 -22.43 -20.14 26.12
N TYR C 382 -23.28 -19.23 25.65
CA TYR C 382 -23.78 -19.26 24.27
C TYR C 382 -22.84 -18.54 23.31
N LEU C 383 -22.71 -17.23 23.53
CA LEU C 383 -21.89 -16.40 22.69
C LEU C 383 -20.43 -16.78 22.57
N GLN C 384 -19.69 -16.75 23.67
CA GLN C 384 -18.25 -17.05 23.66
C GLN C 384 -17.75 -18.19 22.76
N PRO C 385 -18.55 -19.26 22.60
CA PRO C 385 -18.01 -20.30 21.72
C PRO C 385 -18.27 -20.01 20.24
N LEU C 386 -19.03 -18.94 19.98
CA LEU C 386 -19.38 -18.53 18.62
C LEU C 386 -18.25 -17.73 17.96
N ILE C 387 -17.46 -17.07 18.80
CA ILE C 387 -16.34 -16.25 18.33
C ILE C 387 -15.02 -17.02 18.41
N ALA C 388 -15.07 -18.24 18.91
CA ALA C 388 -13.88 -19.07 19.06
C ALA C 388 -13.09 -19.26 17.77
N GLY C 389 -11.78 -19.47 17.88
CA GLY C 389 -10.93 -19.66 16.71
C GLY C 389 -10.70 -18.43 15.84
N GLU C 390 -9.59 -18.40 15.11
CA GLU C 390 -9.29 -17.24 14.27
C GLU C 390 -8.92 -17.61 12.84
N SER C 391 -9.69 -17.08 11.89
CA SER C 391 -9.47 -17.36 10.49
C SER C 391 -8.88 -16.16 9.75
N PHE C 392 -7.56 -16.02 9.80
CA PHE C 392 -6.90 -14.91 9.13
C PHE C 392 -6.68 -15.16 7.64
N PRO C 393 -7.27 -14.33 6.78
CA PRO C 393 -7.10 -14.51 5.34
C PRO C 393 -5.64 -14.30 4.97
N PRO C 394 -5.17 -14.95 3.88
CA PRO C 394 -3.77 -14.73 3.54
C PRO C 394 -3.56 -13.26 3.17
N PHE C 395 -2.37 -12.74 3.43
CA PHE C 395 -2.09 -11.36 3.08
C PHE C 395 -1.06 -11.28 1.96
N ASP C 396 -1.22 -10.26 1.15
CA ASP C 396 -0.31 -10.01 0.06
C ASP C 396 -0.10 -8.51 0.06
N ASP C 397 1.13 -8.09 0.32
CA ASP C 397 1.46 -6.67 0.34
C ASP C 397 0.80 -5.89 1.47
N GLY C 398 0.61 -6.54 2.62
CA GLY C 398 0.03 -5.87 3.77
C GLY C 398 -1.48 -5.85 3.89
N LEU C 399 -2.18 -6.25 2.82
CA LEU C 399 -3.63 -6.28 2.82
C LEU C 399 -4.16 -7.69 2.60
N PRO C 400 -5.35 -7.99 3.14
CA PRO C 400 -5.91 -9.33 2.96
C PRO C 400 -6.12 -9.58 1.48
N ARG C 401 -6.11 -10.83 1.08
CA ARG C 401 -6.32 -11.16 -0.33
C ARG C 401 -7.83 -11.26 -0.58
N VAL C 402 -8.25 -10.94 -1.79
CA VAL C 402 -9.66 -11.00 -2.13
C VAL C 402 -9.93 -11.94 -3.29
N ALA C 403 -11.19 -12.06 -3.69
CA ALA C 403 -11.57 -12.96 -4.77
C ALA C 403 -11.17 -12.56 -6.18
N LYS C 404 -11.62 -11.41 -6.68
CA LYS C 404 -11.29 -11.01 -8.05
C LYS C 404 -11.85 -12.06 -9.02
N LEU C 405 -13.15 -11.98 -9.31
CA LEU C 405 -13.82 -12.93 -10.21
C LEU C 405 -14.09 -12.23 -11.52
N LYS C 406 -14.37 -13.00 -12.58
CA LYS C 406 -14.66 -12.37 -13.85
C LYS C 406 -16.14 -11.99 -13.87
N ASN C 407 -16.94 -12.75 -13.16
CA ASN C 407 -18.39 -12.53 -13.08
C ASN C 407 -18.98 -12.27 -14.45
N GLN C 408 -18.71 -13.18 -15.38
CA GLN C 408 -19.18 -13.09 -16.76
C GLN C 408 -20.60 -13.59 -16.93
N LEU C 409 -21.41 -12.79 -17.60
CA LEU C 409 -22.80 -13.13 -17.84
C LEU C 409 -23.00 -14.11 -18.96
N VAL C 410 -24.07 -14.87 -18.86
CA VAL C 410 -24.41 -15.81 -19.90
C VAL C 410 -25.24 -14.99 -20.85
N GLU C 411 -25.22 -15.32 -22.14
CA GLU C 411 -26.00 -14.56 -23.09
C GLU C 411 -27.48 -14.76 -22.78
N LYS C 412 -28.23 -13.67 -22.75
CA LYS C 412 -29.67 -13.71 -22.47
C LYS C 412 -30.39 -14.71 -23.37
N LYS C 413 -31.65 -15.03 -23.03
CA LYS C 413 -32.43 -15.97 -23.84
C LYS C 413 -33.89 -15.60 -23.96
N LEU C 414 -34.40 -14.90 -22.96
CA LEU C 414 -35.80 -14.48 -22.95
C LEU C 414 -36.01 -13.22 -23.79
N ARG C 415 -36.81 -12.29 -23.28
CA ARG C 415 -37.08 -11.04 -23.98
C ARG C 415 -37.43 -9.93 -23.02
N THR C 416 -36.40 -9.22 -22.56
CA THR C 416 -36.53 -8.10 -21.61
C THR C 416 -37.37 -8.44 -20.40
N GLU C 417 -37.45 -7.51 -19.46
CA GLU C 417 -38.19 -7.69 -18.22
C GLU C 417 -37.77 -6.67 -17.18
N PHE C 418 -38.56 -5.62 -17.07
CA PHE C 418 -38.29 -4.55 -16.11
C PHE C 418 -38.90 -4.86 -14.77
N GLU C 419 -38.40 -4.21 -13.73
CA GLU C 419 -38.92 -4.44 -12.39
C GLU C 419 -39.38 -3.14 -11.76
N LEU C 420 -39.58 -3.19 -10.44
CA LEU C 420 -40.03 -2.07 -9.58
C LEU C 420 -41.57 -2.04 -9.70
NA NA D . 30.92 7.46 -25.70
NA NA E . 1.19 13.33 21.31
NA NA F . -31.70 -8.30 6.04
#